data_5QCO
#
_entry.id   5QCO
#
_cell.length_a   81.339
_cell.length_b   103.108
_cell.length_c   99.839
_cell.angle_alpha   90.00
_cell.angle_beta   105.16
_cell.angle_gamma   90.00
#
_symmetry.space_group_name_H-M   'P 1 21 1'
#
loop_
_entity.id
_entity.type
_entity.pdbx_description
1 polymer 'Beta-secretase 1'
2 non-polymer (4S)-19-acetyl-4-[(1R)-1-hydroxy-2-({1-[3-(propan-2-yl)phenyl]cyclopropyl}amino)ethyl]-11-oxa-3,16-diazatricyclo[15.3.1.1~6,10~]docosa-1(21),6(22),7,9,17,19-hexaen-2-one
3 water water
#
_entity_poly.entity_id   1
_entity_poly.type   'polypeptide(L)'
_entity_poly.pdbx_seq_one_letter_code
;GPDEEPEEPGRRGSFVEMVDNLRGKSGQGYYVEMTVGSPPQTLNILVDTGSSNFAVGAAPHPFLHRYYQRQLSSTYRDLR
KGVYVPYTQGKWEGELGTDLVSIPHGPNVTVRANIAAITESDKFFINGSNWEGILGLAYAEIARPDDSLEPFFDSLVKQT
HVPNLFSLQLCGAGFPLNQSEVLASVGGSMIIGGIDHSLYTGSLWYTPIRREWYYEVIIVRVEINGQDLKMDCKEYNYDK
SIVDSGTTNLRLPKKVFEAAVKSIKAASSTEKFPDGFWLGEQLVCWQAGTTPWNIFPVISLYLMGEVTNQSFRITILPQQ
YLRPVEDVATSQDDCYKFAISQSSTGTVMGAVIMEGFYVVFDRARKRIGFAVSACHVHDEFRTAAVEGPFVTLDMEDCGY
NI
;
_entity_poly.pdbx_strand_id   A,B,C
#
loop_
_chem_comp.id
_chem_comp.type
_chem_comp.name
_chem_comp.formula
E4A non-polymer (4S)-19-acetyl-4-[(1R)-1-hydroxy-2-({1-[3-(propan-2-yl)phenyl]cyclopropyl}amino)ethyl]-11-oxa-3,16-diazatricyclo[15.3.1.1~6,10~]docosa-1(21),6(22),7,9,17,19-hexaen-2-one 'C35 H43 N3 O4'
#
# COMPACT_ATOMS: atom_id res chain seq x y z
N SER A 14 32.75 -18.38 8.06
CA SER A 14 32.55 -19.75 7.59
C SER A 14 31.32 -19.83 6.65
N PHE A 15 30.82 -18.66 6.24
CA PHE A 15 29.55 -18.58 5.51
C PHE A 15 29.68 -18.89 4.02
N VAL A 16 30.88 -18.98 3.47
CA VAL A 16 31.03 -19.23 2.04
C VAL A 16 30.42 -20.56 1.64
N GLU A 17 30.38 -21.53 2.57
CA GLU A 17 29.72 -22.80 2.28
C GLU A 17 28.25 -22.63 1.94
N MET A 18 27.63 -21.53 2.37
CA MET A 18 26.21 -21.33 2.13
C MET A 18 25.97 -20.41 0.95
N VAL A 19 27.02 -19.83 0.37
CA VAL A 19 26.84 -18.94 -0.76
C VAL A 19 26.32 -19.73 -1.95
N ASP A 20 25.30 -19.19 -2.61
CA ASP A 20 24.73 -19.79 -3.81
C ASP A 20 24.05 -21.13 -3.54
N ASN A 21 23.44 -21.30 -2.35
CA ASN A 21 22.75 -22.53 -2.00
C ASN A 21 21.26 -22.55 -2.37
N LEU A 22 20.75 -21.56 -3.08
CA LEU A 22 19.36 -21.54 -3.49
C LEU A 22 19.30 -21.66 -5.00
N ARG A 23 18.38 -22.49 -5.49
CA ARG A 23 18.05 -22.61 -6.90
C ARG A 23 16.56 -22.34 -7.06
N GLY A 24 16.11 -22.21 -8.31
CA GLY A 24 14.70 -22.07 -8.59
C GLY A 24 14.46 -21.95 -10.07
N LYS A 25 13.20 -22.20 -10.46
CA LYS A 25 12.70 -21.80 -11.76
C LYS A 25 11.88 -20.53 -11.60
N SER A 26 12.13 -19.54 -12.44
CA SER A 26 11.57 -18.19 -12.31
C SER A 26 10.07 -18.21 -12.01
N GLY A 27 9.66 -17.37 -11.04
CA GLY A 27 8.29 -17.27 -10.61
C GLY A 27 7.76 -18.47 -9.85
N GLN A 28 8.59 -19.50 -9.63
CA GLN A 28 8.13 -20.71 -8.96
C GLN A 28 8.84 -20.95 -7.62
N GLY A 29 9.59 -19.97 -7.12
CA GLY A 29 10.12 -20.01 -5.77
C GLY A 29 11.56 -20.46 -5.68
N TYR A 30 12.24 -19.94 -4.66
CA TYR A 30 13.61 -20.34 -4.35
C TYR A 30 13.57 -21.47 -3.33
N TYR A 31 14.40 -22.49 -3.54
CA TYR A 31 14.51 -23.62 -2.63
C TYR A 31 15.96 -23.88 -2.24
N VAL A 32 16.12 -24.47 -1.06
CA VAL A 32 17.38 -24.93 -0.52
C VAL A 32 17.27 -26.44 -0.36
N GLU A 33 18.42 -27.11 -0.28
CA GLU A 33 18.47 -28.56 -0.14
C GLU A 33 18.55 -28.96 1.33
N MET A 34 17.67 -29.86 1.75
CA MET A 34 17.62 -30.35 3.12
C MET A 34 17.60 -31.87 3.15
N THR A 35 18.01 -32.45 4.27
CA THR A 35 17.83 -33.87 4.53
C THR A 35 17.04 -34.06 5.81
N VAL A 36 16.12 -35.01 5.78
CA VAL A 36 15.32 -35.33 6.95
C VAL A 36 15.39 -36.84 7.16
N GLY A 37 15.32 -37.24 8.42
CA GLY A 37 15.28 -38.64 8.78
C GLY A 37 16.65 -39.28 8.90
N SER A 38 16.67 -40.44 9.54
CA SER A 38 17.85 -41.31 9.64
C SER A 38 17.50 -42.66 9.02
N PRO A 39 18.15 -43.07 7.92
CA PRO A 39 19.19 -42.33 7.20
C PRO A 39 18.66 -41.06 6.48
N PRO A 40 19.58 -40.13 6.17
CA PRO A 40 19.18 -38.87 5.53
C PRO A 40 18.45 -39.08 4.21
N GLN A 41 17.23 -38.53 4.14
CA GLN A 41 16.49 -38.40 2.88
C GLN A 41 16.57 -36.96 2.39
N THR A 42 16.82 -36.80 1.10
CA THR A 42 17.16 -35.49 0.55
C THR A 42 15.94 -34.89 -0.16
N LEU A 43 15.64 -33.63 0.14
CA LEU A 43 14.52 -32.94 -0.49
C LEU A 43 14.87 -31.48 -0.77
N ASN A 44 14.26 -30.93 -1.81
CA ASN A 44 14.32 -29.49 -2.08
C ASN A 44 13.16 -28.80 -1.40
N ILE A 45 13.49 -27.82 -0.55
CA ILE A 45 12.51 -27.15 0.31
C ILE A 45 12.43 -25.68 -0.06
N LEU A 46 11.20 -25.23 -0.37
CA LEU A 46 10.96 -23.83 -0.69
C LEU A 46 11.20 -22.95 0.52
N VAL A 47 11.95 -21.85 0.34
CA VAL A 47 12.23 -20.95 1.45
C VAL A 47 11.18 -19.83 1.43
N ASP A 48 10.40 -19.75 2.51
CA ASP A 48 9.21 -18.90 2.62
C ASP A 48 9.23 -18.07 3.92
N THR A 49 9.47 -16.76 3.81
CA THR A 49 9.34 -15.86 4.96
C THR A 49 7.89 -15.45 5.24
N GLY A 50 6.92 -15.95 4.48
CA GLY A 50 5.53 -15.57 4.69
C GLY A 50 4.69 -16.63 5.35
N SER A 51 5.33 -17.58 6.02
CA SER A 51 4.63 -18.64 6.75
C SER A 51 5.61 -19.22 7.75
N SER A 52 5.13 -20.16 8.57
CA SER A 52 5.91 -20.59 9.74
C SER A 52 5.88 -22.09 9.96
N ASN A 53 5.40 -22.86 9.00
CA ASN A 53 5.30 -24.31 9.10
C ASN A 53 6.33 -24.96 8.21
N PHE A 54 7.07 -25.92 8.75
CA PHE A 54 7.93 -26.79 7.97
C PHE A 54 7.16 -28.03 7.52
N ALA A 55 6.96 -28.18 6.22
CA ALA A 55 6.13 -29.26 5.73
C ALA A 55 6.68 -29.83 4.41
N VAL A 56 6.61 -31.15 4.27
CA VAL A 56 7.11 -31.84 3.08
C VAL A 56 6.06 -32.79 2.55
N GLY A 57 6.09 -33.01 1.23
CA GLY A 57 5.32 -34.10 0.66
C GLY A 57 5.74 -35.43 1.25
N ALA A 58 4.74 -36.27 1.57
CA ALA A 58 5.00 -37.57 2.20
C ALA A 58 4.15 -38.65 1.55
N ALA A 59 3.76 -38.45 0.31
CA ALA A 59 2.90 -39.38 -0.42
C ALA A 59 2.99 -39.02 -1.89
N PRO A 60 2.85 -39.99 -2.79
CA PRO A 60 3.00 -39.67 -4.22
C PRO A 60 2.04 -38.59 -4.68
N HIS A 61 2.48 -37.80 -5.65
CA HIS A 61 1.75 -36.70 -6.26
C HIS A 61 2.27 -36.55 -7.67
N PRO A 62 1.41 -36.16 -8.63
CA PRO A 62 1.90 -36.03 -10.02
C PRO A 62 3.09 -35.09 -10.16
N PHE A 63 3.13 -34.00 -9.39
CA PHE A 63 4.15 -32.96 -9.45
C PHE A 63 5.29 -33.19 -8.46
N LEU A 64 5.30 -34.33 -7.77
CA LEU A 64 6.38 -34.70 -6.87
C LEU A 64 7.22 -35.81 -7.51
N HIS A 65 8.53 -35.61 -7.54
CA HIS A 65 9.43 -36.62 -8.05
C HIS A 65 10.13 -37.37 -6.94
N ARG A 66 9.85 -37.02 -5.69
CA ARG A 66 10.32 -37.73 -4.51
C ARG A 66 9.57 -37.15 -3.31
N TYR A 67 9.67 -37.84 -2.18
CA TYR A 67 8.92 -37.42 -1.02
C TYR A 67 9.46 -38.10 0.23
N TYR A 68 9.08 -37.52 1.36
CA TYR A 68 9.51 -38.00 2.66
C TYR A 68 8.83 -39.32 2.98
N GLN A 69 9.59 -40.28 3.46
CA GLN A 69 9.07 -41.60 3.79
C GLN A 69 9.31 -41.84 5.28
N ARG A 70 8.27 -41.59 6.07
CA ARG A 70 8.38 -41.78 7.51
C ARG A 70 8.74 -43.22 7.84
N GLN A 71 8.16 -44.16 7.09
CA GLN A 71 8.40 -45.59 7.29
C GLN A 71 9.89 -45.92 7.43
N LEU A 72 10.73 -45.28 6.61
CA LEU A 72 12.16 -45.57 6.52
C LEU A 72 13.06 -44.76 7.45
N SER A 73 12.52 -43.86 8.28
CA SER A 73 13.37 -43.08 9.17
C SER A 73 13.28 -43.64 10.58
N SER A 74 14.43 -44.02 11.13
CA SER A 74 14.50 -44.59 12.46
C SER A 74 14.51 -43.53 13.53
N THR A 75 14.36 -42.27 13.14
CA THR A 75 14.25 -41.17 14.09
C THR A 75 12.89 -40.49 14.01
N TYR A 76 11.99 -40.95 13.14
CA TYR A 76 10.65 -40.39 13.06
C TYR A 76 9.91 -40.58 14.38
N ARG A 77 9.07 -39.61 14.72
CA ARG A 77 8.19 -39.70 15.89
C ARG A 77 6.85 -39.11 15.51
N ASP A 78 5.79 -39.89 15.65
CA ASP A 78 4.46 -39.40 15.35
C ASP A 78 3.98 -38.50 16.49
N LEU A 79 3.33 -37.40 16.13
CA LEU A 79 2.73 -36.51 17.12
C LEU A 79 1.22 -36.69 17.23
N ARG A 80 0.64 -37.57 16.42
CA ARG A 80 -0.76 -37.97 16.53
C ARG A 80 -1.72 -36.77 16.57
N LYS A 81 -1.39 -35.74 15.80
CA LYS A 81 -2.28 -34.60 15.59
C LYS A 81 -2.28 -34.24 14.12
N GLY A 82 -3.47 -33.95 13.57
CA GLY A 82 -3.57 -33.46 12.22
C GLY A 82 -3.30 -31.96 12.10
N VAL A 83 -3.05 -31.54 10.87
CA VAL A 83 -2.71 -30.15 10.61
C VAL A 83 -3.07 -29.82 9.17
N TYR A 84 -3.34 -28.54 8.92
CA TYR A 84 -3.59 -28.03 7.57
C TYR A 84 -3.11 -26.60 7.57
N VAL A 85 -2.63 -26.14 6.43
CA VAL A 85 -2.24 -24.75 6.24
C VAL A 85 -2.89 -24.28 4.97
N PRO A 86 -3.76 -23.26 4.99
CA PRO A 86 -4.20 -22.62 3.76
C PRO A 86 -3.38 -21.39 3.43
N TYR A 87 -2.89 -21.28 2.20
CA TYR A 87 -2.16 -20.10 1.76
C TYR A 87 -3.12 -19.22 0.97
N THR A 88 -2.59 -18.12 0.42
CA THR A 88 -3.37 -17.16 -0.36
C THR A 88 -4.34 -17.86 -1.30
N GLN A 89 -3.87 -18.97 -1.85
CA GLN A 89 -4.60 -19.81 -2.77
C GLN A 89 -3.76 -21.06 -2.84
N GLY A 90 -4.38 -22.22 -2.72
CA GLY A 90 -3.59 -23.42 -2.58
C GLY A 90 -3.37 -23.76 -1.12
N LYS A 91 -3.37 -25.05 -0.78
CA LYS A 91 -3.46 -25.50 0.59
C LYS A 91 -3.09 -26.97 0.67
N TRP A 92 -2.74 -27.43 1.88
CA TRP A 92 -2.40 -28.83 2.11
C TRP A 92 -2.84 -29.24 3.51
N GLU A 93 -3.10 -30.53 3.70
CA GLU A 93 -3.27 -31.11 5.03
C GLU A 93 -2.31 -32.27 5.22
N GLY A 94 -2.09 -32.62 6.48
CA GLY A 94 -1.14 -33.67 6.79
C GLY A 94 -1.11 -34.02 8.27
N GLU A 95 -0.09 -34.80 8.61
CA GLU A 95 0.08 -35.37 9.94
C GLU A 95 1.38 -34.84 10.56
N LEU A 96 1.28 -34.26 11.75
CA LEU A 96 2.45 -33.73 12.45
C LEU A 96 3.32 -34.85 13.01
N GLY A 97 4.64 -34.61 12.98
CA GLY A 97 5.64 -35.47 13.59
C GLY A 97 6.91 -34.68 13.78
N THR A 98 7.93 -35.35 14.32
CA THR A 98 9.28 -34.79 14.41
C THR A 98 10.28 -35.77 13.81
N ASP A 99 11.49 -35.26 13.55
CA ASP A 99 12.56 -36.04 12.94
C ASP A 99 13.79 -35.14 12.84
N LEU A 100 14.96 -35.76 12.72
CA LEU A 100 16.20 -35.01 12.61
C LEU A 100 16.34 -34.41 11.22
N VAL A 101 16.84 -33.18 11.16
CA VAL A 101 16.85 -32.40 9.93
C VAL A 101 18.24 -31.79 9.76
N SER A 102 18.73 -31.75 8.52
CA SER A 102 20.01 -31.13 8.21
C SER A 102 19.88 -30.27 6.97
N ILE A 103 20.78 -29.30 6.85
CA ILE A 103 20.91 -28.49 5.67
C ILE A 103 22.32 -28.68 5.13
N PRO A 104 22.50 -29.54 4.10
CA PRO A 104 23.86 -29.86 3.63
C PRO A 104 24.72 -28.65 3.31
N HIS A 105 24.18 -27.67 2.59
CA HIS A 105 24.90 -26.43 2.31
C HIS A 105 24.56 -25.31 3.29
N GLY A 106 24.37 -25.69 4.55
CA GLY A 106 24.08 -24.75 5.59
C GLY A 106 25.01 -24.98 6.75
N PRO A 107 24.60 -24.53 7.95
CA PRO A 107 25.41 -24.78 9.14
C PRO A 107 25.53 -26.28 9.39
N ASN A 108 26.67 -26.69 9.95
CA ASN A 108 26.92 -28.11 10.13
C ASN A 108 26.34 -28.57 11.47
N VAL A 109 25.01 -28.72 11.50
CA VAL A 109 24.29 -29.10 12.71
C VAL A 109 23.14 -30.03 12.34
N THR A 110 22.50 -30.58 13.36
CA THR A 110 21.31 -31.43 13.17
C THR A 110 20.33 -31.10 14.28
N VAL A 111 19.10 -30.73 13.91
CA VAL A 111 18.09 -30.37 14.90
C VAL A 111 16.92 -31.34 14.77
N ARG A 112 16.32 -31.66 15.91
CA ARG A 112 15.02 -32.31 15.90
C ARG A 112 13.97 -31.23 15.69
N ALA A 113 13.19 -31.36 14.63
CA ALA A 113 12.28 -30.31 14.23
C ALA A 113 10.90 -30.88 13.97
N ASN A 114 9.89 -30.04 14.20
CA ASN A 114 8.54 -30.38 13.79
C ASN A 114 8.45 -30.47 12.27
N ILE A 115 7.74 -31.48 11.78
CA ILE A 115 7.50 -31.67 10.34
C ILE A 115 6.05 -32.05 10.14
N ALA A 116 5.38 -31.40 9.21
CA ALA A 116 4.06 -31.83 8.78
C ALA A 116 4.22 -32.66 7.52
N ALA A 117 3.84 -33.94 7.60
CA ALA A 117 3.89 -34.83 6.44
C ALA A 117 2.66 -34.58 5.58
N ILE A 118 2.84 -33.89 4.45
CA ILE A 118 1.73 -33.57 3.54
C ILE A 118 1.22 -34.85 2.91
N THR A 119 -0.07 -35.15 3.10
CA THR A 119 -0.70 -36.33 2.54
C THR A 119 -1.79 -36.01 1.53
N GLU A 120 -2.43 -34.86 1.67
CA GLU A 120 -3.42 -34.36 0.72
C GLU A 120 -3.11 -32.88 0.50
N SER A 121 -3.29 -32.41 -0.73
CA SER A 121 -2.95 -31.04 -1.05
C SER A 121 -3.78 -30.60 -2.25
N ASP A 122 -3.95 -29.28 -2.39
CA ASP A 122 -4.67 -28.70 -3.51
C ASP A 122 -3.97 -27.42 -3.94
N LYS A 123 -3.62 -27.34 -5.22
CA LYS A 123 -3.00 -26.14 -5.82
C LYS A 123 -1.79 -25.64 -5.01
N PHE A 124 -1.04 -26.57 -4.43
CA PHE A 124 0.13 -26.22 -3.63
C PHE A 124 1.43 -26.56 -4.36
N PHE A 125 1.66 -27.83 -4.65
CA PHE A 125 2.84 -28.19 -5.40
C PHE A 125 2.76 -27.67 -6.85
N ILE A 126 3.92 -27.35 -7.41
CA ILE A 126 4.01 -26.72 -8.71
C ILE A 126 4.65 -27.66 -9.71
N ASN A 127 4.06 -27.75 -10.89
CA ASN A 127 4.59 -28.62 -11.94
C ASN A 127 5.91 -28.06 -12.43
N GLY A 128 7.00 -28.81 -12.18
CA GLY A 128 8.33 -28.44 -12.61
C GLY A 128 9.07 -27.47 -11.72
N SER A 129 8.52 -27.10 -10.57
CA SER A 129 9.21 -26.21 -9.62
C SER A 129 10.46 -26.83 -9.03
N ASN A 130 10.52 -28.16 -8.98
CA ASN A 130 11.64 -28.95 -8.47
C ASN A 130 11.76 -28.92 -6.94
N TRP A 131 10.79 -28.35 -6.22
CA TRP A 131 10.75 -28.47 -4.77
C TRP A 131 9.55 -29.30 -4.33
N GLU A 132 9.71 -29.93 -3.17
CA GLU A 132 8.77 -30.91 -2.64
C GLU A 132 8.31 -30.61 -1.22
N GLY A 133 8.69 -29.47 -0.66
CA GLY A 133 8.33 -29.10 0.70
C GLY A 133 8.57 -27.62 0.89
N ILE A 134 8.16 -27.11 2.07
CA ILE A 134 8.18 -25.68 2.37
C ILE A 134 8.78 -25.45 3.76
N LEU A 135 9.58 -24.38 3.89
CA LEU A 135 10.24 -23.98 5.12
C LEU A 135 9.71 -22.59 5.52
N GLY A 136 8.70 -22.56 6.38
CA GLY A 136 8.18 -21.28 6.86
C GLY A 136 9.17 -20.63 7.84
N LEU A 137 9.69 -19.47 7.47
CA LEU A 137 10.75 -18.84 8.27
C LEU A 137 10.21 -17.75 9.21
N ALA A 138 8.90 -17.56 9.27
CA ALA A 138 8.31 -16.58 10.16
C ALA A 138 8.15 -17.14 11.58
N TYR A 139 7.45 -16.38 12.41
CA TYR A 139 7.37 -16.60 13.85
C TYR A 139 6.20 -17.51 14.22
N ALA A 140 6.25 -18.02 15.46
CA ALA A 140 5.27 -19.02 15.89
C ALA A 140 3.83 -18.49 15.86
N GLU A 141 3.65 -17.18 16.02
CA GLU A 141 2.32 -16.60 16.14
C GLU A 141 1.41 -16.96 14.97
N ILE A 142 1.98 -17.15 13.77
CA ILE A 142 1.18 -17.51 12.61
C ILE A 142 1.34 -18.98 12.22
N ALA A 143 1.91 -19.80 13.10
CA ALA A 143 1.96 -21.24 12.86
C ALA A 143 0.56 -21.86 12.95
N ARG A 144 0.35 -22.95 12.18
CA ARG A 144 -0.84 -23.78 12.32
C ARG A 144 -0.46 -25.15 12.92
N PRO A 145 -1.37 -25.78 13.69
CA PRO A 145 -2.74 -25.35 14.01
C PRO A 145 -2.79 -24.17 14.97
N ASP A 146 -1.79 -24.03 15.84
CA ASP A 146 -1.73 -22.91 16.77
C ASP A 146 -0.28 -22.53 17.04
N ASP A 147 -0.10 -21.45 17.78
CA ASP A 147 1.25 -20.93 17.95
C ASP A 147 2.15 -21.79 18.88
N SER A 148 1.82 -23.00 19.29
CA SER A 148 2.69 -23.79 20.16
C SER A 148 3.55 -24.78 19.39
N LEU A 149 3.39 -24.87 18.07
CA LEU A 149 4.24 -25.66 17.20
C LEU A 149 5.48 -24.85 16.81
N GLU A 150 6.58 -25.12 17.49
CA GLU A 150 7.85 -24.42 17.28
C GLU A 150 8.24 -24.48 15.80
N PRO A 151 8.34 -23.36 15.10
CA PRO A 151 8.75 -23.39 13.70
C PRO A 151 10.21 -23.79 13.59
N PHE A 152 10.61 -24.15 12.36
CA PHE A 152 11.93 -24.74 12.19
C PHE A 152 13.03 -23.88 12.76
N PHE A 153 13.02 -22.59 12.43
CA PHE A 153 14.16 -21.76 12.80
C PHE A 153 14.25 -21.55 14.31
N ASP A 154 13.12 -21.49 15.00
CA ASP A 154 13.15 -21.41 16.46
C ASP A 154 13.78 -22.68 17.03
N SER A 155 13.50 -23.84 16.43
CA SER A 155 14.14 -25.08 16.87
C SER A 155 15.65 -25.03 16.62
N LEU A 156 16.08 -24.55 15.44
CA LEU A 156 17.50 -24.49 15.11
C LEU A 156 18.28 -23.64 16.10
N VAL A 157 17.73 -22.48 16.47
CA VAL A 157 18.40 -21.56 17.39
C VAL A 157 18.41 -22.10 18.83
N LYS A 158 17.36 -22.79 19.26
CA LYS A 158 17.36 -23.35 20.61
C LYS A 158 18.40 -24.45 20.75
N GLN A 159 18.43 -25.40 19.82
CA GLN A 159 19.19 -26.63 19.93
C GLN A 159 20.65 -26.53 19.47
N THR A 160 21.06 -25.44 18.83
CA THR A 160 22.43 -25.31 18.37
C THR A 160 23.01 -23.97 18.77
N HIS A 161 24.19 -23.63 18.28
CA HIS A 161 24.80 -22.35 18.57
C HIS A 161 24.65 -21.34 17.43
N VAL A 162 23.92 -21.71 16.37
CA VAL A 162 23.62 -20.81 15.26
C VAL A 162 22.91 -19.57 15.78
N PRO A 163 23.47 -18.38 15.54
CA PRO A 163 22.83 -17.13 15.99
C PRO A 163 21.47 -16.91 15.36
N ASN A 164 20.65 -16.12 16.04
CA ASN A 164 19.25 -15.95 15.68
C ASN A 164 19.09 -14.87 14.61
N LEU A 165 19.60 -15.18 13.41
CA LEU A 165 19.32 -14.36 12.24
C LEU A 165 19.68 -15.15 10.99
N PHE A 166 19.18 -14.67 9.85
CA PHE A 166 19.52 -15.25 8.55
C PHE A 166 19.36 -14.14 7.53
N SER A 167 20.01 -14.28 6.39
CA SER A 167 19.88 -13.30 5.33
C SER A 167 19.62 -14.00 4.00
N LEU A 168 18.91 -13.31 3.10
CA LEU A 168 18.53 -13.86 1.81
C LEU A 168 19.02 -12.95 0.68
N GLN A 169 19.70 -13.57 -0.27
CA GLN A 169 20.10 -12.92 -1.50
C GLN A 169 19.44 -13.66 -2.65
N LEU A 170 18.38 -13.06 -3.22
CA LEU A 170 17.65 -13.64 -4.34
C LEU A 170 18.05 -12.96 -5.64
N CYS A 171 18.44 -13.74 -6.63
CA CYS A 171 18.93 -13.22 -7.90
C CYS A 171 17.93 -13.51 -9.01
N GLY A 172 17.63 -12.50 -9.82
CA GLY A 172 16.65 -12.65 -10.88
C GLY A 172 17.14 -13.46 -12.07
N ALA A 173 16.21 -13.67 -12.99
CA ALA A 173 16.46 -14.37 -14.25
C ALA A 173 16.81 -13.37 -15.36
N SER A 185 17.30 -21.72 -13.74
CA SER A 185 16.89 -20.40 -14.23
C SER A 185 17.27 -19.27 -13.26
N VAL A 186 17.10 -19.50 -11.94
CA VAL A 186 17.51 -18.54 -10.91
C VAL A 186 18.29 -19.25 -9.81
N GLY A 187 19.02 -18.45 -9.04
CA GLY A 187 19.80 -18.90 -7.90
C GLY A 187 19.81 -17.84 -6.80
N GLY A 188 20.49 -18.18 -5.70
CA GLY A 188 20.72 -17.18 -4.66
C GLY A 188 21.41 -17.80 -3.46
N SER A 189 21.45 -17.04 -2.37
CA SER A 189 22.05 -17.50 -1.13
C SER A 189 21.12 -17.29 0.06
N MET A 190 21.08 -18.28 0.95
CA MET A 190 20.53 -18.16 2.29
C MET A 190 21.70 -18.35 3.26
N ILE A 191 22.15 -17.26 3.86
CA ILE A 191 23.19 -17.32 4.88
C ILE A 191 22.48 -17.49 6.22
N ILE A 192 22.59 -18.70 6.78
CA ILE A 192 21.94 -19.09 8.02
C ILE A 192 22.88 -18.80 9.18
N GLY A 193 22.48 -17.87 10.04
CA GLY A 193 23.24 -17.58 11.22
C GLY A 193 24.16 -16.38 11.13
N GLY A 194 24.11 -15.63 10.03
CA GLY A 194 24.99 -14.49 9.93
C GLY A 194 24.79 -13.69 8.66
N ILE A 195 25.75 -12.81 8.44
CA ILE A 195 25.79 -11.90 7.31
C ILE A 195 27.08 -12.15 6.57
N ASP A 196 27.01 -12.23 5.25
CA ASP A 196 28.19 -12.39 4.42
C ASP A 196 28.43 -11.05 3.74
N HIS A 197 29.55 -10.42 4.05
CA HIS A 197 29.70 -9.05 3.60
C HIS A 197 30.07 -8.94 2.12
N SER A 198 30.46 -10.05 1.50
CA SER A 198 30.76 -10.07 0.07
C SER A 198 29.51 -10.25 -0.79
N LEU A 199 28.33 -10.41 -0.19
CA LEU A 199 27.10 -10.51 -0.97
C LEU A 199 26.40 -9.17 -1.20
N TYR A 200 26.91 -8.05 -0.65
CA TYR A 200 26.30 -6.73 -0.88
C TYR A 200 27.36 -5.64 -1.00
N THR A 201 26.93 -4.51 -1.56
CA THR A 201 27.70 -3.26 -1.58
C THR A 201 26.98 -2.17 -0.80
N GLY A 202 27.74 -1.15 -0.41
CA GLY A 202 27.16 -0.07 0.36
C GLY A 202 26.85 -0.53 1.77
N SER A 203 26.04 0.26 2.46
CA SER A 203 25.71 -0.05 3.84
C SER A 203 24.37 -0.78 3.92
N LEU A 204 24.21 -1.55 4.98
CA LEU A 204 22.92 -2.13 5.33
C LEU A 204 22.06 -1.10 6.04
N TRP A 205 20.82 -0.92 5.57
CA TRP A 205 19.83 -0.07 6.25
C TRP A 205 18.74 -0.92 6.90
N TYR A 206 18.46 -0.65 8.18
CA TYR A 206 17.56 -1.50 8.97
C TYR A 206 16.24 -0.82 9.28
N THR A 207 15.18 -1.60 9.25
CA THR A 207 13.85 -1.18 9.59
C THR A 207 13.31 -2.09 10.69
N PRO A 208 12.61 -1.55 11.69
CA PRO A 208 12.11 -2.42 12.77
C PRO A 208 11.09 -3.44 12.28
N ILE A 209 11.15 -4.63 12.87
CA ILE A 209 10.06 -5.59 12.77
C ILE A 209 8.98 -5.14 13.74
N ARG A 210 7.83 -4.70 13.20
CA ARG A 210 6.81 -4.08 14.03
C ARG A 210 6.22 -5.06 15.01
N ARG A 211 6.00 -6.31 14.58
CA ARG A 211 5.38 -7.33 15.41
C ARG A 211 5.89 -8.67 14.89
N GLU A 212 6.25 -9.58 15.81
CA GLU A 212 6.84 -10.88 15.43
C GLU A 212 5.73 -11.90 15.17
N TRP A 213 5.13 -11.77 13.99
CA TRP A 213 4.27 -12.81 13.44
C TRP A 213 4.70 -13.07 12.00
N TYR A 214 4.23 -12.25 11.06
CA TYR A 214 4.93 -12.07 9.81
C TYR A 214 6.19 -11.23 10.04
N TYR A 215 6.99 -11.05 8.98
CA TYR A 215 8.02 -10.01 9.04
C TYR A 215 7.37 -8.69 8.65
N GLU A 216 6.81 -8.01 9.65
CA GLU A 216 5.98 -6.84 9.42
C GLU A 216 6.79 -5.56 9.60
N VAL A 217 6.66 -4.66 8.64
CA VAL A 217 7.42 -3.43 8.56
C VAL A 217 6.43 -2.31 8.29
N ILE A 218 6.91 -1.06 8.33
CA ILE A 218 6.07 0.11 8.13
C ILE A 218 6.67 0.91 6.99
N ILE A 219 5.95 0.97 5.88
CA ILE A 219 6.27 1.87 4.78
C ILE A 219 5.76 3.26 5.14
N VAL A 220 6.62 4.26 5.04
CA VAL A 220 6.29 5.60 5.53
C VAL A 220 6.11 6.60 4.40
N ARG A 221 6.51 6.26 3.18
CA ARG A 221 6.38 7.17 2.05
C ARG A 221 6.55 6.32 0.80
N VAL A 222 5.84 6.70 -0.27
CA VAL A 222 5.94 6.00 -1.56
C VAL A 222 6.07 7.03 -2.68
N GLU A 223 7.10 6.86 -3.50
CA GLU A 223 7.37 7.76 -4.62
C GLU A 223 7.43 6.97 -5.91
N ILE A 224 7.00 7.61 -6.99
CA ILE A 224 7.05 7.00 -8.32
C ILE A 224 7.72 8.01 -9.24
N ASN A 225 8.88 7.63 -9.79
CA ASN A 225 9.72 8.54 -10.56
C ASN A 225 10.01 9.83 -9.80
N GLY A 226 10.23 9.71 -8.50
CA GLY A 226 10.53 10.87 -7.69
C GLY A 226 9.35 11.70 -7.28
N GLN A 227 8.14 11.30 -7.69
CA GLN A 227 6.92 12.03 -7.39
C GLN A 227 6.22 11.33 -6.23
N ASP A 228 6.00 12.05 -5.15
CA ASP A 228 5.35 11.44 -4.01
C ASP A 228 3.91 11.11 -4.37
N LEU A 229 3.47 9.89 -3.99
CA LEU A 229 2.08 9.51 -4.17
C LEU A 229 1.13 10.34 -3.31
N LYS A 230 1.63 10.97 -2.25
CA LYS A 230 0.86 11.87 -1.39
C LYS A 230 -0.45 11.24 -0.92
N MET A 231 -0.32 10.12 -0.23
CA MET A 231 -1.43 9.44 0.42
C MET A 231 -1.15 9.43 1.91
N ASP A 232 -2.24 9.41 2.70
CA ASP A 232 -2.09 9.15 4.12
C ASP A 232 -1.31 7.86 4.30
N CYS A 233 -0.16 7.95 4.96
CA CYS A 233 0.75 6.80 4.97
C CYS A 233 0.16 5.59 5.69
N LYS A 234 -0.96 5.73 6.40
CA LYS A 234 -1.67 4.55 6.91
C LYS A 234 -2.13 3.66 5.75
N GLU A 235 -2.40 4.27 4.60
CA GLU A 235 -2.84 3.52 3.43
C GLU A 235 -1.80 2.51 3.00
N TYR A 236 -0.52 2.85 3.16
CA TYR A 236 0.56 1.94 2.75
C TYR A 236 0.56 0.65 3.56
N ASN A 237 0.14 0.71 4.83
CA ASN A 237 0.26 -0.41 5.76
C ASN A 237 -1.08 -0.93 6.23
N TYR A 238 -2.11 -0.77 5.40
CA TYR A 238 -3.48 -1.18 5.70
C TYR A 238 -3.73 -2.53 5.05
N ASP A 239 -3.87 -3.59 5.85
CA ASP A 239 -3.79 -3.55 7.32
C ASP A 239 -2.39 -3.93 7.82
N LYS A 240 -1.53 -4.35 6.91
CA LYS A 240 -0.15 -4.61 7.31
C LYS A 240 0.73 -4.51 6.06
N SER A 241 2.04 -4.43 6.29
CA SER A 241 3.06 -4.53 5.25
C SER A 241 4.04 -5.59 5.73
N ILE A 242 4.37 -6.56 4.86
CA ILE A 242 5.22 -7.68 5.24
C ILE A 242 6.25 -7.93 4.15
N VAL A 243 7.34 -8.62 4.54
CA VAL A 243 8.37 -9.10 3.62
C VAL A 243 8.19 -10.60 3.42
N ASP A 244 7.88 -11.04 2.19
CA ASP A 244 7.43 -12.42 1.96
C ASP A 244 8.18 -13.02 0.78
N SER A 245 9.22 -13.80 1.06
CA SER A 245 10.00 -14.43 0.00
C SER A 245 9.22 -15.49 -0.75
N GLY A 246 8.10 -15.93 -0.20
CA GLY A 246 7.28 -16.96 -0.79
C GLY A 246 6.20 -16.47 -1.73
N THR A 247 6.16 -15.17 -2.04
CA THR A 247 5.18 -14.60 -2.95
C THR A 247 5.91 -13.85 -4.06
N THR A 248 5.54 -14.10 -5.30
CA THR A 248 6.27 -13.44 -6.37
C THR A 248 6.05 -11.93 -6.36
N ASN A 249 4.79 -11.49 -6.33
CA ASN A 249 4.45 -10.13 -6.68
C ASN A 249 4.70 -9.15 -5.54
N LEU A 250 4.81 -7.86 -5.92
CA LEU A 250 4.52 -6.77 -5.00
C LEU A 250 3.00 -6.60 -4.96
N ARG A 251 2.42 -6.77 -3.78
CA ARG A 251 0.98 -6.66 -3.60
C ARG A 251 0.69 -5.41 -2.78
N LEU A 252 -0.15 -4.52 -3.30
CA LEU A 252 -0.48 -3.25 -2.66
C LEU A 252 -1.94 -3.19 -2.25
N PRO A 253 -2.24 -2.53 -1.13
CA PRO A 253 -3.65 -2.30 -0.77
C PRO A 253 -4.38 -1.52 -1.86
N LYS A 254 -5.68 -1.80 -1.98
CA LYS A 254 -6.46 -1.38 -3.15
C LYS A 254 -6.22 0.07 -3.51
N LYS A 255 -6.38 0.97 -2.55
CA LYS A 255 -6.24 2.39 -2.87
C LYS A 255 -4.80 2.73 -3.28
N VAL A 256 -3.80 2.12 -2.64
CA VAL A 256 -2.42 2.36 -3.06
C VAL A 256 -2.16 1.79 -4.46
N PHE A 257 -2.68 0.59 -4.73
CA PHE A 257 -2.57 -0.01 -6.07
C PHE A 257 -3.18 0.88 -7.15
N GLU A 258 -4.43 1.32 -6.95
CA GLU A 258 -5.04 2.19 -7.95
C GLU A 258 -4.20 3.44 -8.16
N ALA A 259 -3.72 4.05 -7.08
CA ALA A 259 -2.86 5.22 -7.23
C ALA A 259 -1.61 4.88 -8.01
N ALA A 260 -0.97 3.74 -7.69
CA ALA A 260 0.28 3.38 -8.35
C ALA A 260 0.08 3.02 -9.82
N VAL A 261 -0.96 2.24 -10.16
CA VAL A 261 -1.23 1.90 -11.56
C VAL A 261 -1.52 3.14 -12.39
N LYS A 262 -2.21 4.12 -11.80
CA LYS A 262 -2.47 5.35 -12.53
C LYS A 262 -1.16 6.04 -12.90
N SER A 263 -0.21 6.09 -11.98
CA SER A 263 1.04 6.78 -12.25
C SER A 263 1.92 6.00 -13.24
N ILE A 264 1.86 4.68 -13.21
CA ILE A 264 2.61 3.88 -14.17
C ILE A 264 1.96 3.93 -15.55
N LYS A 265 0.62 3.87 -15.61
CA LYS A 265 -0.06 4.05 -16.88
C LYS A 265 0.35 5.37 -17.53
N ALA A 266 0.30 6.46 -16.74
CA ALA A 266 0.63 7.78 -17.28
C ALA A 266 2.06 7.84 -17.77
N ALA A 267 3.02 7.27 -17.03
CA ALA A 267 4.42 7.36 -17.40
C ALA A 267 4.73 6.61 -18.69
N SER A 268 3.93 5.58 -19.00
CA SER A 268 4.14 4.73 -20.17
C SER A 268 3.03 4.87 -21.20
N SER A 269 2.34 6.02 -21.24
CA SER A 269 1.28 6.19 -22.23
C SER A 269 1.78 6.30 -23.67
N THR A 270 3.08 6.49 -23.91
CA THR A 270 3.63 6.39 -25.27
C THR A 270 3.17 5.13 -26.00
N GLU A 271 3.00 4.02 -25.27
CA GLU A 271 2.57 2.79 -25.89
C GLU A 271 1.26 2.35 -25.27
N LYS A 272 0.60 1.41 -25.92
CA LYS A 272 -0.71 0.96 -25.48
C LYS A 272 -0.61 -0.50 -25.06
N PHE A 273 -1.28 -0.81 -23.96
CA PHE A 273 -1.34 -2.12 -23.34
C PHE A 273 -2.79 -2.52 -23.12
N PRO A 274 -3.10 -3.82 -23.25
CA PRO A 274 -4.43 -4.28 -22.85
C PRO A 274 -4.69 -3.96 -21.37
N ASP A 275 -5.94 -3.60 -21.05
CA ASP A 275 -6.26 -3.37 -19.64
C ASP A 275 -6.17 -4.64 -18.82
N GLY A 276 -6.22 -5.81 -19.47
CA GLY A 276 -5.92 -7.07 -18.80
C GLY A 276 -4.45 -7.28 -18.53
N PHE A 277 -3.58 -6.43 -19.09
CA PHE A 277 -2.17 -6.47 -18.70
C PHE A 277 -2.00 -5.90 -17.31
N TRP A 278 -2.67 -4.78 -17.01
CA TRP A 278 -2.60 -4.14 -15.71
C TRP A 278 -3.21 -4.97 -14.59
N LEU A 279 -3.90 -6.06 -14.92
CA LEU A 279 -4.43 -6.98 -13.93
C LEU A 279 -3.64 -8.28 -13.87
N GLY A 280 -2.56 -8.38 -14.64
CA GLY A 280 -1.71 -9.55 -14.63
C GLY A 280 -2.20 -10.72 -15.44
N GLU A 281 -3.19 -10.52 -16.31
CA GLU A 281 -3.79 -11.62 -17.06
C GLU A 281 -3.20 -11.79 -18.46
N GLN A 282 -2.85 -10.70 -19.13
CA GLN A 282 -2.31 -10.72 -20.48
C GLN A 282 -0.85 -10.28 -20.43
N LEU A 283 -0.02 -10.95 -21.23
CA LEU A 283 1.36 -10.55 -21.38
C LEU A 283 1.47 -9.33 -22.28
N VAL A 284 2.68 -8.79 -22.33
CA VAL A 284 3.04 -7.73 -23.26
C VAL A 284 4.35 -8.16 -23.91
N CYS A 285 4.49 -7.91 -25.21
CA CYS A 285 5.65 -8.39 -25.92
C CYS A 285 6.20 -7.30 -26.83
N TRP A 286 7.52 -7.29 -26.93
CA TRP A 286 8.25 -6.42 -27.84
C TRP A 286 9.28 -7.25 -28.58
N GLN A 287 9.63 -6.79 -29.77
CA GLN A 287 10.69 -7.43 -30.51
C GLN A 287 11.95 -7.49 -29.65
N ALA A 288 12.50 -8.70 -29.52
CA ALA A 288 13.64 -8.97 -28.64
C ALA A 288 14.65 -7.82 -28.55
N GLY A 289 15.09 -7.52 -27.33
CA GLY A 289 16.05 -6.44 -27.14
C GLY A 289 15.54 -5.04 -27.41
N THR A 290 14.23 -4.87 -27.63
CA THR A 290 13.63 -3.56 -27.85
C THR A 290 12.61 -3.23 -26.78
N THR A 291 12.76 -3.78 -25.59
CA THR A 291 11.86 -3.47 -24.49
C THR A 291 12.02 -2.01 -24.09
N PRO A 292 10.98 -1.20 -24.17
CA PRO A 292 11.12 0.23 -23.89
C PRO A 292 11.23 0.51 -22.40
N TRP A 293 12.32 0.05 -21.78
CA TRP A 293 12.49 0.19 -20.33
C TRP A 293 12.32 1.62 -19.84
N ASN A 294 12.71 2.61 -20.65
CA ASN A 294 12.79 3.98 -20.20
C ASN A 294 11.43 4.61 -19.89
N ILE A 295 10.33 4.01 -20.34
CA ILE A 295 8.99 4.56 -20.13
C ILE A 295 8.28 3.96 -18.93
N PHE A 296 8.92 3.04 -18.23
CA PHE A 296 8.38 2.53 -16.97
C PHE A 296 9.10 3.18 -15.79
N PRO A 297 8.36 3.67 -14.80
CA PRO A 297 8.99 4.41 -13.70
C PRO A 297 9.68 3.52 -12.68
N VAL A 298 10.56 4.13 -11.91
CA VAL A 298 11.09 3.50 -10.70
C VAL A 298 10.12 3.79 -9.56
N ILE A 299 10.01 2.84 -8.64
CA ILE A 299 9.16 2.94 -7.45
C ILE A 299 10.06 2.98 -6.23
N SER A 300 9.87 3.97 -5.38
CA SER A 300 10.62 4.05 -4.15
C SER A 300 9.73 3.76 -2.96
N LEU A 301 10.14 2.77 -2.17
CA LEU A 301 9.51 2.50 -0.89
C LEU A 301 10.42 3.03 0.22
N TYR A 302 9.89 3.98 0.99
CA TYR A 302 10.58 4.48 2.18
C TYR A 302 10.14 3.65 3.38
N LEU A 303 11.10 3.13 4.12
CA LEU A 303 10.88 2.26 5.25
C LEU A 303 11.30 2.96 6.52
N MET A 304 10.57 2.68 7.59
CA MET A 304 10.89 3.29 8.87
C MET A 304 12.30 2.90 9.31
N GLY A 305 13.08 3.90 9.73
CA GLY A 305 14.44 3.69 10.17
C GLY A 305 14.55 3.26 11.63
N GLU A 306 15.77 3.33 12.12
CA GLU A 306 16.15 2.93 13.48
C GLU A 306 16.25 4.07 14.47
N VAL A 307 16.32 5.33 14.01
CA VAL A 307 16.34 6.48 14.92
C VAL A 307 15.15 7.39 14.62
N THR A 308 14.79 8.18 15.65
CA THR A 308 13.61 9.03 15.59
C THR A 308 13.65 9.85 14.30
N ASN A 309 12.50 9.95 13.65
CA ASN A 309 12.32 10.80 12.49
C ASN A 309 13.18 10.37 11.31
N GLN A 310 13.76 9.17 11.32
CA GLN A 310 14.68 8.77 10.25
C GLN A 310 14.11 7.60 9.48
N SER A 311 14.32 7.63 8.15
CA SER A 311 13.93 6.55 7.25
C SER A 311 15.02 6.34 6.21
N PHE A 312 14.81 5.32 5.35
CA PHE A 312 15.66 5.04 4.21
C PHE A 312 14.74 4.55 3.11
N ARG A 313 15.22 4.56 1.86
CA ARG A 313 14.38 4.14 0.76
C ARG A 313 15.03 3.05 -0.07
N ILE A 314 14.19 2.17 -0.62
CA ILE A 314 14.62 1.19 -1.60
C ILE A 314 13.98 1.55 -2.92
N THR A 315 14.77 1.49 -3.98
CA THR A 315 14.29 1.81 -5.31
C THR A 315 14.19 0.53 -6.12
N ILE A 316 13.02 0.33 -6.75
CA ILE A 316 12.70 -0.84 -7.55
C ILE A 316 12.75 -0.39 -9.00
N LEU A 317 13.45 -1.14 -9.83
CA LEU A 317 13.43 -0.81 -11.25
C LEU A 317 12.27 -1.52 -11.93
N PRO A 318 11.88 -1.06 -13.11
CA PRO A 318 10.84 -1.81 -13.84
C PRO A 318 11.25 -3.24 -14.15
N GLN A 319 12.54 -3.53 -14.30
CA GLN A 319 12.97 -4.90 -14.56
C GLN A 319 12.62 -5.87 -13.43
N GLN A 320 12.26 -5.35 -12.27
CA GLN A 320 11.82 -6.18 -11.14
C GLN A 320 10.32 -6.42 -11.15
N TYR A 321 9.50 -5.39 -11.43
CA TYR A 321 8.06 -5.59 -11.42
C TYR A 321 7.48 -5.88 -12.81
N LEU A 322 8.31 -5.91 -13.87
CA LEU A 322 7.93 -6.53 -15.15
C LEU A 322 8.70 -7.84 -15.27
N ARG A 323 8.05 -8.89 -14.91
CA ARG A 323 8.65 -10.21 -14.77
C ARG A 323 8.62 -10.93 -16.12
N PRO A 324 9.74 -11.48 -16.59
CA PRO A 324 9.76 -12.13 -17.90
C PRO A 324 9.12 -13.51 -17.88
N VAL A 325 8.52 -13.88 -19.03
CA VAL A 325 7.79 -15.14 -19.22
C VAL A 325 8.11 -15.73 -20.60
N GLU A 326 7.53 -16.90 -20.86
CA GLU A 326 7.78 -17.65 -22.09
C GLU A 326 6.92 -17.13 -23.24
N ASP A 327 7.56 -16.93 -24.40
CA ASP A 327 6.86 -16.43 -25.59
C ASP A 327 5.76 -17.41 -26.02
N VAL A 328 4.52 -16.92 -26.04
CA VAL A 328 3.39 -17.74 -26.46
C VAL A 328 3.49 -18.10 -27.95
N ALA A 329 4.03 -17.22 -28.79
CA ALA A 329 4.19 -17.46 -30.21
C ALA A 329 5.52 -18.17 -30.49
N THR A 330 5.78 -18.45 -31.77
CA THR A 330 7.03 -19.06 -32.20
C THR A 330 8.13 -18.02 -32.42
N SER A 331 8.06 -16.90 -31.72
CA SER A 331 8.98 -15.78 -31.91
C SER A 331 10.07 -15.81 -30.85
N GLN A 332 11.03 -14.90 -31.02
CA GLN A 332 11.95 -14.57 -29.95
C GLN A 332 11.63 -13.22 -29.31
N ASP A 333 10.39 -12.76 -29.44
CA ASP A 333 9.96 -11.55 -28.74
C ASP A 333 10.19 -11.70 -27.25
N ASP A 334 10.55 -10.59 -26.59
CA ASP A 334 10.58 -10.56 -25.14
C ASP A 334 9.18 -10.27 -24.62
N CYS A 335 8.69 -11.11 -23.71
CA CYS A 335 7.34 -10.99 -23.18
C CYS A 335 7.37 -10.94 -21.65
N TYR A 336 6.47 -10.13 -21.08
CA TYR A 336 6.52 -9.78 -19.67
C TYR A 336 5.12 -9.77 -19.07
N LYS A 337 5.02 -10.21 -17.82
CA LYS A 337 3.81 -10.11 -17.01
C LYS A 337 3.95 -8.97 -16.01
N PHE A 338 2.85 -8.29 -15.73
CA PHE A 338 2.88 -7.21 -14.73
C PHE A 338 2.80 -7.84 -13.34
N ALA A 339 3.84 -7.63 -12.53
CA ALA A 339 3.98 -8.32 -11.25
C ALA A 339 3.70 -7.39 -10.07
N ILE A 340 2.86 -6.39 -10.29
CA ILE A 340 2.25 -5.62 -9.22
C ILE A 340 0.76 -5.96 -9.23
N SER A 341 0.26 -6.49 -8.11
CA SER A 341 -1.15 -6.88 -8.04
C SER A 341 -1.86 -6.25 -6.83
N GLN A 342 -3.19 -6.19 -6.94
CA GLN A 342 -4.02 -5.61 -5.89
C GLN A 342 -4.18 -6.56 -4.72
N SER A 343 -4.33 -6.00 -3.52
CA SER A 343 -4.38 -6.80 -2.30
C SER A 343 -5.47 -6.29 -1.38
N SER A 344 -5.98 -7.20 -0.57
CA SER A 344 -6.91 -6.89 0.50
C SER A 344 -6.37 -7.30 1.84
N THR A 345 -5.17 -7.87 1.87
CA THR A 345 -4.56 -8.34 3.10
C THR A 345 -3.38 -7.49 3.53
N GLY A 346 -3.11 -6.38 2.82
CA GLY A 346 -2.01 -5.47 3.12
C GLY A 346 -1.00 -5.44 2.00
N THR A 347 0.14 -4.80 2.27
CA THR A 347 1.26 -4.79 1.32
C THR A 347 2.09 -6.06 1.51
N VAL A 348 2.42 -6.70 0.40
CA VAL A 348 3.40 -7.80 0.40
C VAL A 348 4.58 -7.38 -0.46
N MET A 349 5.75 -7.26 0.16
CA MET A 349 7.00 -7.09 -0.57
C MET A 349 7.49 -8.50 -0.89
N GLY A 350 7.23 -8.92 -2.12
CA GLY A 350 7.49 -10.28 -2.55
C GLY A 350 8.86 -10.48 -3.14
N ALA A 351 9.02 -11.61 -3.84
CA ALA A 351 10.33 -11.97 -4.37
C ALA A 351 10.78 -10.96 -5.40
N VAL A 352 9.82 -10.39 -6.11
CA VAL A 352 10.07 -9.29 -7.03
C VAL A 352 10.84 -8.16 -6.35
N ILE A 353 10.39 -7.75 -5.14
CA ILE A 353 11.03 -6.63 -4.44
C ILE A 353 12.41 -7.03 -3.93
N MET A 354 12.54 -8.27 -3.43
CA MET A 354 13.76 -8.71 -2.76
C MET A 354 14.93 -8.96 -3.71
N GLU A 355 14.68 -9.15 -5.02
CA GLU A 355 15.74 -9.52 -5.96
C GLU A 355 16.82 -8.44 -6.11
N GLY A 356 16.46 -7.17 -6.02
CA GLY A 356 17.57 -6.25 -6.10
C GLY A 356 18.54 -6.31 -4.92
N PHE A 357 18.17 -6.98 -3.81
CA PHE A 357 18.70 -6.64 -2.50
C PHE A 357 19.21 -7.83 -1.71
N TYR A 358 20.09 -7.53 -0.76
CA TYR A 358 20.48 -8.42 0.31
C TYR A 358 19.65 -8.05 1.54
N VAL A 359 18.87 -9.00 2.02
CA VAL A 359 17.87 -8.78 3.05
C VAL A 359 18.25 -9.60 4.28
N VAL A 360 18.54 -8.91 5.37
CA VAL A 360 18.95 -9.51 6.63
C VAL A 360 17.74 -9.58 7.55
N PHE A 361 17.43 -10.79 8.01
CA PHE A 361 16.35 -11.00 8.96
C PHE A 361 16.97 -11.14 10.35
N ASP A 362 17.25 -9.98 10.97
CA ASP A 362 17.94 -9.94 12.26
C ASP A 362 16.91 -10.11 13.37
N ARG A 363 16.48 -11.35 13.52
CA ARG A 363 15.49 -11.70 14.53
C ARG A 363 15.98 -11.33 15.93
N ALA A 364 17.27 -11.54 16.21
CA ALA A 364 17.81 -11.24 17.54
C ALA A 364 17.68 -9.76 17.89
N ARG A 365 17.75 -8.86 16.91
CA ARG A 365 17.66 -7.44 17.17
C ARG A 365 16.36 -6.84 16.61
N LYS A 366 15.36 -7.70 16.34
CA LYS A 366 14.03 -7.31 15.87
C LYS A 366 14.07 -6.32 14.70
N ARG A 367 14.84 -6.63 13.66
CA ARG A 367 14.98 -5.68 12.56
C ARG A 367 15.31 -6.41 11.26
N ILE A 368 15.05 -5.73 10.14
CA ILE A 368 15.31 -6.26 8.81
C ILE A 368 16.18 -5.26 8.06
N GLY A 369 17.27 -5.74 7.48
CA GLY A 369 18.24 -4.90 6.81
C GLY A 369 18.15 -5.08 5.27
N PHE A 370 18.33 -3.98 4.57
CA PHE A 370 18.36 -3.97 3.12
C PHE A 370 19.68 -3.36 2.65
N ALA A 371 20.27 -3.97 1.64
CA ALA A 371 21.42 -3.39 0.95
C ALA A 371 21.37 -3.80 -0.50
N VAL A 372 22.04 -3.03 -1.35
CA VAL A 372 22.17 -3.43 -2.75
C VAL A 372 22.93 -4.74 -2.86
N SER A 373 22.33 -5.70 -3.54
CA SER A 373 22.92 -7.03 -3.69
C SER A 373 24.04 -7.04 -4.73
N ALA A 374 24.99 -7.96 -4.53
CA ALA A 374 26.00 -8.25 -5.53
C ALA A 374 25.40 -8.70 -6.86
N CYS A 375 24.14 -9.15 -6.88
CA CYS A 375 23.54 -9.60 -8.14
C CYS A 375 22.35 -8.70 -8.47
N HIS A 376 22.58 -7.40 -8.43
CA HIS A 376 21.49 -6.44 -8.61
C HIS A 376 21.13 -6.28 -10.08
N VAL A 377 19.82 -6.10 -10.32
CA VAL A 377 19.30 -5.91 -11.66
C VAL A 377 19.94 -4.69 -12.33
N HIS A 378 20.20 -4.80 -13.63
CA HIS A 378 20.99 -3.81 -14.36
C HIS A 378 20.12 -3.14 -15.42
N ASP A 379 19.97 -1.84 -15.30
CA ASP A 379 19.37 -0.98 -16.30
C ASP A 379 20.49 -0.16 -16.93
N GLU A 380 20.23 0.37 -18.12
CA GLU A 380 21.28 1.09 -18.82
C GLU A 380 21.60 2.43 -18.18
N PHE A 381 20.60 3.12 -17.62
CA PHE A 381 20.78 4.46 -17.06
C PHE A 381 20.27 4.59 -15.63
N ARG A 382 19.68 3.54 -15.06
CA ARG A 382 19.13 3.59 -13.72
C ARG A 382 19.66 2.42 -12.91
N THR A 383 19.60 2.56 -11.60
CA THR A 383 20.09 1.49 -10.74
C THR A 383 19.20 1.36 -9.52
N ALA A 384 19.00 0.12 -9.10
CA ALA A 384 18.36 -0.16 -7.83
C ALA A 384 19.23 0.40 -6.71
N ALA A 385 18.59 0.85 -5.62
CA ALA A 385 19.37 1.50 -4.58
C ALA A 385 18.75 1.33 -3.20
N VAL A 386 19.60 1.48 -2.19
CA VAL A 386 19.15 1.58 -0.81
C VAL A 386 19.85 2.81 -0.26
N GLU A 387 19.11 3.90 -0.06
CA GLU A 387 19.70 5.20 0.27
C GLU A 387 19.16 5.72 1.60
N GLY A 388 20.06 6.34 2.37
CA GLY A 388 19.70 7.00 3.62
C GLY A 388 20.84 7.84 4.14
N PRO A 389 20.59 8.56 5.25
CA PRO A 389 19.30 8.63 5.94
C PRO A 389 18.34 9.64 5.33
N PHE A 390 17.05 9.46 5.59
CA PHE A 390 16.04 10.46 5.28
C PHE A 390 15.34 10.84 6.57
N VAL A 391 14.88 12.08 6.62
CA VAL A 391 14.07 12.53 7.73
C VAL A 391 12.62 12.41 7.31
N THR A 392 11.81 11.78 8.16
CA THR A 392 10.39 11.64 7.93
C THR A 392 9.73 11.92 9.26
N LEU A 393 8.81 12.90 9.27
CA LEU A 393 8.13 13.25 10.50
C LEU A 393 6.90 12.34 10.71
N ASP A 394 6.59 12.08 11.98
CA ASP A 394 5.39 11.34 12.38
C ASP A 394 5.30 9.94 11.76
N MET A 395 6.42 9.22 11.77
CA MET A 395 6.38 7.87 11.20
C MET A 395 5.46 6.95 11.99
N GLU A 396 5.25 7.24 13.28
CA GLU A 396 4.43 6.38 14.11
C GLU A 396 2.97 6.37 13.66
N ASP A 397 2.48 7.48 13.11
CA ASP A 397 1.11 7.56 12.60
C ASP A 397 0.88 6.70 11.38
N CYS A 398 1.91 6.09 10.80
CA CYS A 398 1.76 5.35 9.57
C CYS A 398 1.34 3.90 9.81
N GLY A 399 1.60 3.37 11.00
CA GLY A 399 1.12 2.04 11.30
C GLY A 399 -0.38 2.05 11.49
N TYR A 400 -1.02 1.00 11.00
CA TYR A 400 -2.47 0.84 11.10
C TYR A 400 -2.86 0.05 12.33
N ASN A 401 -3.89 0.50 13.02
CA ASN A 401 -4.39 -0.17 14.22
C ASN A 401 -5.81 -0.73 14.06
N SER B 14 -10.27 -36.15 -0.95
CA SER B 14 -10.61 -35.05 -1.86
C SER B 14 -11.14 -33.79 -1.18
N PHE B 15 -11.18 -33.81 0.15
CA PHE B 15 -11.84 -32.73 0.88
C PHE B 15 -10.94 -31.54 1.13
N VAL B 16 -9.64 -31.64 0.82
CA VAL B 16 -8.76 -30.49 1.03
C VAL B 16 -9.20 -29.28 0.22
N GLU B 17 -9.84 -29.49 -0.95
CA GLU B 17 -10.34 -28.37 -1.75
C GLU B 17 -11.32 -27.50 -0.98
N MET B 18 -12.01 -28.08 0.00
CA MET B 18 -13.06 -27.36 0.71
C MET B 18 -12.62 -26.79 2.04
N VAL B 19 -11.38 -27.05 2.46
CA VAL B 19 -10.89 -26.45 3.69
C VAL B 19 -10.81 -24.95 3.50
N ASP B 20 -11.29 -24.21 4.49
CA ASP B 20 -11.20 -22.75 4.54
C ASP B 20 -12.05 -22.06 3.46
N ASN B 21 -13.18 -22.63 3.07
CA ASN B 21 -14.04 -22.00 2.07
C ASN B 21 -15.10 -21.06 2.65
N LEU B 22 -15.05 -20.75 3.95
CA LEU B 22 -16.01 -19.85 4.60
C LEU B 22 -15.33 -18.58 5.07
N ARG B 23 -15.97 -17.45 4.81
CA ARG B 23 -15.55 -16.17 5.36
C ARG B 23 -16.71 -15.54 6.11
N GLY B 24 -16.42 -14.50 6.85
CA GLY B 24 -17.44 -13.76 7.54
C GLY B 24 -16.83 -12.58 8.26
N LYS B 25 -17.70 -11.63 8.59
CA LYS B 25 -17.38 -10.61 9.56
C LYS B 25 -18.06 -11.04 10.87
N SER B 26 -17.30 -11.00 11.98
CA SER B 26 -17.77 -11.54 13.25
C SER B 26 -19.20 -11.08 13.58
N GLY B 27 -20.03 -12.04 14.02
CA GLY B 27 -21.40 -11.75 14.37
C GLY B 27 -22.34 -11.48 13.20
N GLN B 28 -21.85 -11.59 11.96
CA GLN B 28 -22.69 -11.34 10.80
C GLN B 28 -22.85 -12.56 9.89
N GLY B 29 -22.43 -13.75 10.34
CA GLY B 29 -22.70 -14.99 9.60
C GLY B 29 -21.55 -15.42 8.72
N TYR B 30 -21.44 -16.73 8.54
CA TYR B 30 -20.44 -17.29 7.65
C TYR B 30 -21.07 -17.52 6.29
N TYR B 31 -20.32 -17.20 5.23
CA TYR B 31 -20.79 -17.44 3.89
C TYR B 31 -19.78 -18.25 3.08
N VAL B 32 -20.30 -18.95 2.09
CA VAL B 32 -19.54 -19.69 1.11
C VAL B 32 -19.80 -19.04 -0.23
N GLU B 33 -18.90 -19.25 -1.18
CA GLU B 33 -19.05 -18.63 -2.49
C GLU B 33 -19.75 -19.60 -3.43
N MET B 34 -20.79 -19.10 -4.11
CA MET B 34 -21.56 -19.89 -5.05
C MET B 34 -21.69 -19.13 -6.36
N THR B 35 -21.97 -19.88 -7.43
CA THR B 35 -22.34 -19.28 -8.71
C THR B 35 -23.71 -19.79 -9.11
N VAL B 36 -24.53 -18.90 -9.66
CA VAL B 36 -25.83 -19.24 -10.21
C VAL B 36 -25.93 -18.66 -11.61
N GLY B 37 -26.68 -19.33 -12.46
CA GLY B 37 -26.98 -18.84 -13.79
C GLY B 37 -25.92 -19.21 -14.81
N SER B 38 -26.32 -19.08 -16.07
CA SER B 38 -25.41 -19.22 -17.21
C SER B 38 -25.43 -17.89 -17.93
N PRO B 39 -24.31 -17.14 -17.99
CA PRO B 39 -22.97 -17.43 -17.44
C PRO B 39 -22.95 -17.41 -15.91
N PRO B 40 -21.95 -18.04 -15.31
CA PRO B 40 -21.85 -18.07 -13.84
C PRO B 40 -21.79 -16.68 -13.25
N GLN B 41 -22.76 -16.37 -12.39
CA GLN B 41 -22.75 -15.17 -11.57
C GLN B 41 -22.33 -15.52 -10.15
N THR B 42 -21.41 -14.75 -9.58
CA THR B 42 -20.76 -15.12 -8.33
C THR B 42 -21.37 -14.34 -7.19
N LEU B 43 -21.77 -15.06 -6.14
CA LEU B 43 -22.38 -14.46 -4.97
C LEU B 43 -21.92 -15.19 -3.72
N ASN B 44 -21.85 -14.45 -2.62
CA ASN B 44 -21.57 -15.02 -1.31
C ASN B 44 -22.87 -15.36 -0.61
N ILE B 45 -23.00 -16.61 -0.19
CA ILE B 45 -24.25 -17.16 0.33
C ILE B 45 -24.02 -17.54 1.78
N LEU B 46 -24.87 -17.01 2.66
CA LEU B 46 -24.81 -17.34 4.08
C LEU B 46 -25.22 -18.80 4.31
N VAL B 47 -24.45 -19.52 5.11
CA VAL B 47 -24.73 -20.93 5.41
C VAL B 47 -25.54 -20.97 6.71
N ASP B 48 -26.76 -21.52 6.62
CA ASP B 48 -27.74 -21.49 7.70
C ASP B 48 -28.34 -22.88 7.88
N THR B 49 -27.95 -23.55 8.95
CA THR B 49 -28.58 -24.82 9.27
C THR B 49 -29.91 -24.65 9.99
N GLY B 50 -30.37 -23.42 10.19
CA GLY B 50 -31.64 -23.19 10.86
C GLY B 50 -32.77 -22.77 9.94
N SER B 51 -32.65 -23.05 8.65
CA SER B 51 -33.72 -22.76 7.70
C SER B 51 -33.49 -23.62 6.46
N SER B 52 -34.41 -23.56 5.49
CA SER B 52 -34.40 -24.53 4.41
C SER B 52 -34.65 -23.93 3.03
N ASN B 53 -34.56 -22.62 2.87
CA ASN B 53 -34.75 -21.97 1.59
C ASN B 53 -33.43 -21.43 1.06
N PHE B 54 -33.17 -21.70 -0.21
CA PHE B 54 -32.08 -21.08 -0.95
C PHE B 54 -32.61 -19.80 -1.58
N ALA B 55 -32.08 -18.65 -1.14
CA ALA B 55 -32.60 -17.36 -1.60
C ALA B 55 -31.46 -16.37 -1.75
N VAL B 56 -31.54 -15.56 -2.81
CA VAL B 56 -30.53 -14.56 -3.14
C VAL B 56 -31.21 -13.23 -3.44
N GLY B 57 -30.51 -12.14 -3.13
CA GLY B 57 -30.97 -10.85 -3.61
C GLY B 57 -31.00 -10.83 -5.13
N ALA B 58 -32.07 -10.26 -5.68
CA ALA B 58 -32.21 -10.19 -7.13
C ALA B 58 -32.67 -8.82 -7.58
N ALA B 59 -32.39 -7.80 -6.78
CA ALA B 59 -32.80 -6.41 -7.02
C ALA B 59 -31.93 -5.53 -6.14
N PRO B 60 -31.65 -4.29 -6.56
CA PRO B 60 -30.76 -3.44 -5.77
C PRO B 60 -31.24 -3.24 -4.34
N HIS B 61 -30.29 -3.08 -3.43
CA HIS B 61 -30.56 -2.83 -2.04
C HIS B 61 -29.36 -2.05 -1.52
N PRO B 62 -29.56 -1.09 -0.61
CA PRO B 62 -28.42 -0.30 -0.10
C PRO B 62 -27.28 -1.14 0.46
N PHE B 63 -27.59 -2.27 1.08
CA PHE B 63 -26.60 -3.14 1.70
C PHE B 63 -26.11 -4.24 0.76
N LEU B 64 -26.53 -4.24 -0.50
CA LEU B 64 -26.11 -5.23 -1.49
C LEU B 64 -25.10 -4.62 -2.46
N HIS B 65 -23.99 -5.31 -2.68
CA HIS B 65 -22.95 -4.84 -3.60
C HIS B 65 -22.97 -5.57 -4.94
N ARG B 66 -23.85 -6.55 -5.12
CA ARG B 66 -24.12 -7.22 -6.38
C ARG B 66 -25.33 -8.10 -6.13
N TYR B 67 -25.93 -8.61 -7.21
CA TYR B 67 -27.16 -9.37 -7.03
C TYR B 67 -27.45 -10.22 -8.26
N TYR B 68 -28.35 -11.18 -8.06
CA TYR B 68 -28.73 -12.13 -9.10
C TYR B 68 -29.53 -11.43 -10.19
N GLN B 69 -29.17 -11.69 -11.44
CA GLN B 69 -29.86 -11.08 -12.57
C GLN B 69 -30.43 -12.19 -13.44
N ARG B 70 -31.71 -12.51 -13.21
CA ARG B 70 -32.38 -13.55 -13.99
C ARG B 70 -32.40 -13.23 -15.47
N GLN B 71 -32.56 -11.94 -15.80
CA GLN B 71 -32.53 -11.49 -17.18
C GLN B 71 -31.31 -12.04 -17.92
N LEU B 72 -30.17 -12.09 -17.22
CA LEU B 72 -28.89 -12.45 -17.82
C LEU B 72 -28.59 -13.95 -17.79
N SER B 73 -29.47 -14.77 -17.21
CA SER B 73 -29.24 -16.22 -17.17
C SER B 73 -30.14 -16.93 -18.18
N SER B 74 -29.51 -17.68 -19.09
CA SER B 74 -30.20 -18.46 -20.12
C SER B 74 -30.66 -19.83 -19.64
N THR B 75 -30.43 -20.16 -18.37
CA THR B 75 -30.96 -21.36 -17.75
C THR B 75 -31.95 -21.04 -16.64
N TYR B 76 -32.19 -19.76 -16.37
CA TYR B 76 -33.25 -19.37 -15.45
C TYR B 76 -34.60 -19.87 -15.96
N ARG B 77 -35.45 -20.28 -15.03
CA ARG B 77 -36.82 -20.72 -15.31
C ARG B 77 -37.72 -20.18 -14.21
N ASP B 78 -38.73 -19.40 -14.59
CA ASP B 78 -39.67 -18.87 -13.62
C ASP B 78 -40.67 -19.96 -13.22
N LEU B 79 -41.00 -20.01 -11.94
CA LEU B 79 -42.04 -20.91 -11.42
C LEU B 79 -43.36 -20.18 -11.18
N ARG B 80 -43.40 -18.87 -11.44
CA ARG B 80 -44.63 -18.07 -11.39
C ARG B 80 -45.38 -18.23 -10.06
N LYS B 81 -44.63 -18.35 -8.97
CA LYS B 81 -45.20 -18.34 -7.63
C LYS B 81 -44.37 -17.42 -6.74
N GLY B 82 -45.03 -16.55 -5.99
CA GLY B 82 -44.34 -15.73 -5.01
C GLY B 82 -44.10 -16.49 -3.72
N VAL B 83 -43.18 -15.97 -2.90
CA VAL B 83 -42.78 -16.69 -1.70
C VAL B 83 -42.40 -15.69 -0.62
N TYR B 84 -42.48 -16.16 0.62
CA TYR B 84 -42.20 -15.35 1.78
C TYR B 84 -41.53 -16.23 2.82
N VAL B 85 -40.55 -15.68 3.53
CA VAL B 85 -39.91 -16.39 4.63
C VAL B 85 -39.75 -15.44 5.82
N PRO B 86 -40.36 -15.74 6.97
CA PRO B 86 -40.03 -15.01 8.20
C PRO B 86 -38.97 -15.71 9.05
N TYR B 87 -37.97 -14.99 9.50
CA TYR B 87 -37.01 -15.52 10.45
C TYR B 87 -37.34 -14.94 11.84
N THR B 88 -36.50 -15.23 12.84
CA THR B 88 -36.65 -14.73 14.21
C THR B 88 -37.08 -13.27 14.23
N GLN B 89 -36.52 -12.53 13.30
CA GLN B 89 -36.66 -11.10 13.18
C GLN B 89 -36.08 -10.80 11.81
N GLY B 90 -36.80 -10.06 11.00
CA GLY B 90 -36.29 -9.98 9.64
C GLY B 90 -36.89 -11.03 8.74
N LYS B 91 -37.10 -10.64 7.48
CA LYS B 91 -37.92 -11.43 6.55
C LYS B 91 -37.69 -10.87 5.14
N TRP B 92 -38.01 -11.70 4.13
CA TRP B 92 -37.91 -11.31 2.74
C TRP B 92 -39.04 -11.98 1.96
N GLU B 93 -39.41 -11.35 0.84
CA GLU B 93 -40.29 -11.95 -0.14
C GLU B 93 -39.60 -11.92 -1.50
N GLY B 94 -40.06 -12.81 -2.38
CA GLY B 94 -39.46 -12.88 -3.69
C GLY B 94 -40.22 -13.84 -4.59
N GLU B 95 -39.62 -14.11 -5.75
CA GLU B 95 -40.25 -14.92 -6.79
C GLU B 95 -39.47 -16.22 -6.96
N LEU B 96 -40.18 -17.34 -6.86
CA LEU B 96 -39.57 -18.65 -7.01
C LEU B 96 -39.18 -18.90 -8.46
N GLY B 97 -38.05 -19.57 -8.65
CA GLY B 97 -37.60 -20.03 -9.96
C GLY B 97 -36.57 -21.12 -9.74
N THR B 98 -36.04 -21.62 -10.85
CA THR B 98 -34.91 -22.55 -10.79
C THR B 98 -33.78 -22.01 -11.66
N ASP B 99 -32.60 -22.59 -11.48
CA ASP B 99 -31.39 -22.18 -12.20
C ASP B 99 -30.24 -23.10 -11.77
N LEU B 100 -29.21 -23.16 -12.60
CA LEU B 100 -28.04 -23.98 -12.31
C LEU B 100 -27.13 -23.30 -11.30
N VAL B 101 -26.59 -24.09 -10.36
CA VAL B 101 -25.83 -23.59 -9.22
C VAL B 101 -24.56 -24.42 -9.08
N SER B 102 -23.46 -23.77 -8.73
CA SER B 102 -22.19 -24.43 -8.47
C SER B 102 -21.58 -23.88 -7.20
N ILE B 103 -20.71 -24.70 -6.61
CA ILE B 103 -19.90 -24.27 -5.47
C ILE B 103 -18.44 -24.35 -5.88
N PRO B 104 -17.85 -23.22 -6.29
CA PRO B 104 -16.48 -23.23 -6.82
C PRO B 104 -15.49 -23.91 -5.90
N HIS B 105 -15.52 -23.59 -4.61
CA HIS B 105 -14.69 -24.25 -3.62
C HIS B 105 -15.41 -25.41 -2.92
N GLY B 106 -16.28 -26.11 -3.66
CA GLY B 106 -16.98 -27.27 -3.17
C GLY B 106 -16.80 -28.43 -4.12
N PRO B 107 -17.73 -29.37 -4.09
CA PRO B 107 -17.66 -30.47 -5.04
C PRO B 107 -17.78 -29.95 -6.47
N ASN B 108 -17.13 -30.67 -7.38
CA ASN B 108 -17.07 -30.24 -8.78
C ASN B 108 -18.35 -30.74 -9.44
N VAL B 109 -19.45 -30.04 -9.14
CA VAL B 109 -20.78 -30.42 -9.61
C VAL B 109 -21.60 -29.16 -9.93
N THR B 110 -22.73 -29.38 -10.58
CA THR B 110 -23.68 -28.32 -10.92
C THR B 110 -25.10 -28.88 -10.83
N VAL B 111 -25.95 -28.27 -10.03
CA VAL B 111 -27.31 -28.80 -9.82
C VAL B 111 -28.33 -27.75 -10.25
N ARG B 112 -29.44 -28.22 -10.82
CA ARG B 112 -30.62 -27.38 -10.97
C ARG B 112 -31.34 -27.36 -9.63
N ALA B 113 -31.49 -26.18 -9.03
CA ALA B 113 -31.99 -26.02 -7.68
C ALA B 113 -33.04 -24.92 -7.64
N ASN B 114 -33.99 -25.04 -6.71
CA ASN B 114 -34.92 -23.93 -6.46
C ASN B 114 -34.18 -22.71 -5.90
N ILE B 115 -34.51 -21.54 -6.43
CA ILE B 115 -33.91 -20.27 -6.03
C ILE B 115 -35.03 -19.24 -5.91
N ALA B 116 -35.07 -18.55 -4.79
CA ALA B 116 -36.00 -17.46 -4.55
C ALA B 116 -35.31 -16.13 -4.85
N ALA B 117 -35.83 -15.42 -5.84
CA ALA B 117 -35.29 -14.11 -6.21
C ALA B 117 -35.84 -13.08 -5.23
N ILE B 118 -35.04 -12.70 -4.24
CA ILE B 118 -35.50 -11.76 -3.22
C ILE B 118 -35.71 -10.39 -3.84
N THR B 119 -36.95 -9.89 -3.77
CA THR B 119 -37.25 -8.60 -4.38
C THR B 119 -37.59 -7.53 -3.37
N GLU B 120 -38.12 -7.89 -2.22
CA GLU B 120 -38.35 -6.98 -1.12
C GLU B 120 -37.94 -7.67 0.16
N SER B 121 -37.41 -6.90 1.10
CA SER B 121 -36.89 -7.47 2.34
C SER B 121 -36.94 -6.41 3.41
N ASP B 122 -36.95 -6.88 4.66
CA ASP B 122 -36.95 -5.99 5.83
C ASP B 122 -36.11 -6.62 6.94
N LYS B 123 -35.07 -5.90 7.37
CA LYS B 123 -34.19 -6.36 8.47
C LYS B 123 -33.59 -7.72 8.17
N PHE B 124 -33.28 -7.98 6.90
CA PHE B 124 -32.66 -9.22 6.51
C PHE B 124 -31.19 -9.05 6.15
N PHE B 125 -30.88 -8.31 5.08
CA PHE B 125 -29.50 -8.05 4.71
C PHE B 125 -28.84 -7.14 5.73
N ILE B 126 -27.53 -7.36 5.92
CA ILE B 126 -26.75 -6.71 6.97
C ILE B 126 -25.74 -5.79 6.32
N ASN B 127 -25.59 -4.60 6.89
CA ASN B 127 -24.66 -3.62 6.33
C ASN B 127 -23.22 -4.11 6.47
N GLY B 128 -22.56 -4.34 5.35
CA GLY B 128 -21.16 -4.74 5.36
C GLY B 128 -20.91 -6.21 5.62
N SER B 129 -21.97 -7.05 5.65
CA SER B 129 -21.80 -8.48 5.90
C SER B 129 -21.05 -9.19 4.77
N ASN B 130 -21.13 -8.66 3.56
CA ASN B 130 -20.50 -9.17 2.34
C ASN B 130 -21.18 -10.42 1.79
N TRP B 131 -22.34 -10.82 2.30
CA TRP B 131 -23.14 -11.88 1.66
C TRP B 131 -24.44 -11.33 1.10
N GLU B 132 -24.94 -11.99 0.06
CA GLU B 132 -26.09 -11.51 -0.69
C GLU B 132 -27.20 -12.56 -0.80
N GLY B 133 -27.11 -13.65 -0.06
CA GLY B 133 -28.08 -14.73 -0.15
C GLY B 133 -27.98 -15.62 1.05
N ILE B 134 -28.87 -16.59 1.12
CA ILE B 134 -28.94 -17.51 2.26
C ILE B 134 -29.09 -18.92 1.72
N LEU B 135 -28.42 -19.87 2.37
CA LEU B 135 -28.46 -21.28 1.97
C LEU B 135 -29.00 -22.06 3.15
N GLY B 136 -30.31 -22.31 3.13
CA GLY B 136 -30.94 -23.10 4.16
C GLY B 136 -30.61 -24.58 3.99
N LEU B 137 -29.93 -25.15 4.97
CA LEU B 137 -29.41 -26.50 4.90
C LEU B 137 -30.27 -27.50 5.67
N ALA B 138 -31.37 -27.05 6.26
CA ALA B 138 -32.27 -27.93 6.98
C ALA B 138 -33.18 -28.67 5.99
N TYR B 139 -34.19 -29.32 6.54
CA TYR B 139 -35.00 -30.27 5.81
C TYR B 139 -36.24 -29.63 5.20
N ALA B 140 -36.88 -30.35 4.29
CA ALA B 140 -38.02 -29.78 3.56
C ALA B 140 -39.16 -29.36 4.49
N GLU B 141 -39.30 -30.02 5.64
CA GLU B 141 -40.48 -29.77 6.46
C GLU B 141 -40.65 -28.29 6.83
N ILE B 142 -39.56 -27.55 7.02
CA ILE B 142 -39.66 -26.14 7.43
C ILE B 142 -39.41 -25.18 6.26
N ALA B 143 -39.38 -25.69 5.03
CA ALA B 143 -39.29 -24.84 3.84
C ALA B 143 -40.57 -24.01 3.60
N ARG B 144 -40.38 -22.85 3.02
CA ARG B 144 -41.54 -22.10 2.55
C ARG B 144 -41.56 -22.11 1.03
N PRO B 145 -42.75 -22.03 0.42
CA PRO B 145 -44.08 -21.92 1.04
C PRO B 145 -44.56 -23.20 1.72
N ASP B 146 -44.13 -24.37 1.24
CA ASP B 146 -44.53 -25.64 1.84
C ASP B 146 -43.43 -26.67 1.64
N ASP B 147 -43.61 -27.86 2.23
CA ASP B 147 -42.53 -28.86 2.22
C ASP B 147 -42.31 -29.47 0.90
N SER B 148 -42.93 -28.98 -0.16
CA SER B 148 -42.76 -29.55 -1.48
C SER B 148 -41.73 -28.81 -2.31
N LEU B 149 -41.20 -27.70 -1.80
CA LEU B 149 -40.10 -26.99 -2.44
C LEU B 149 -38.81 -27.64 -1.94
N GLU B 150 -38.22 -28.49 -2.77
CA GLU B 150 -37.01 -29.21 -2.42
C GLU B 150 -35.88 -28.25 -2.03
N PRO B 151 -35.32 -28.40 -0.82
CA PRO B 151 -34.19 -27.54 -0.41
C PRO B 151 -32.94 -27.86 -1.21
N PHE B 152 -31.97 -26.94 -1.15
CA PHE B 152 -30.80 -27.07 -2.03
C PHE B 152 -30.07 -28.40 -1.80
N PHE B 153 -29.81 -28.76 -0.54
CA PHE B 153 -28.97 -29.93 -0.29
C PHE B 153 -29.65 -31.22 -0.72
N ASP B 154 -30.99 -31.27 -0.61
CA ASP B 154 -31.73 -32.41 -1.12
C ASP B 154 -31.57 -32.51 -2.63
N SER B 155 -31.58 -31.36 -3.33
CA SER B 155 -31.37 -31.37 -4.77
C SER B 155 -29.98 -31.88 -5.09
N LEU B 156 -28.98 -31.38 -4.37
CA LEU B 156 -27.60 -31.77 -4.64
C LEU B 156 -27.42 -33.28 -4.46
N VAL B 157 -28.00 -33.85 -3.40
CA VAL B 157 -27.83 -35.27 -3.16
C VAL B 157 -28.57 -36.10 -4.20
N LYS B 158 -29.74 -35.63 -4.65
CA LYS B 158 -30.50 -36.35 -5.69
C LYS B 158 -29.76 -36.35 -7.02
N GLN B 159 -29.26 -35.19 -7.43
CA GLN B 159 -28.73 -35.00 -8.77
C GLN B 159 -27.26 -35.34 -8.91
N THR B 160 -26.54 -35.63 -7.83
CA THR B 160 -25.14 -36.00 -7.98
C THR B 160 -24.80 -37.22 -7.14
N HIS B 161 -23.50 -37.50 -7.04
CA HIS B 161 -22.98 -38.61 -6.26
C HIS B 161 -22.44 -38.16 -4.91
N VAL B 162 -22.58 -36.87 -4.59
CA VAL B 162 -22.21 -36.34 -3.28
C VAL B 162 -22.97 -37.07 -2.18
N PRO B 163 -22.27 -37.67 -1.22
CA PRO B 163 -22.94 -38.35 -0.11
C PRO B 163 -23.72 -37.38 0.76
N ASN B 164 -24.73 -37.94 1.43
CA ASN B 164 -25.76 -37.17 2.13
C ASN B 164 -25.30 -36.79 3.55
N LEU B 165 -24.27 -35.94 3.59
CA LEU B 165 -23.89 -35.27 4.83
C LEU B 165 -22.96 -34.10 4.52
N PHE B 166 -22.82 -33.23 5.52
CA PHE B 166 -21.88 -32.12 5.44
C PHE B 166 -21.44 -31.75 6.85
N SER B 167 -20.27 -31.13 6.96
CA SER B 167 -19.74 -30.77 8.26
C SER B 167 -19.32 -29.32 8.25
N LEU B 168 -19.40 -28.66 9.41
CA LEU B 168 -19.06 -27.24 9.51
C LEU B 168 -17.99 -27.05 10.58
N GLN B 169 -16.93 -26.34 10.24
CA GLN B 169 -15.92 -25.90 11.19
C GLN B 169 -15.98 -24.38 11.18
N LEU B 170 -16.62 -23.78 12.19
CA LEU B 170 -16.73 -22.33 12.31
C LEU B 170 -15.68 -21.84 13.29
N CYS B 171 -14.84 -20.91 12.87
CA CYS B 171 -13.72 -20.45 13.70
C CYS B 171 -13.99 -19.05 14.21
N GLY B 172 -13.73 -18.83 15.49
CA GLY B 172 -13.93 -17.53 16.10
C GLY B 172 -12.89 -16.54 15.61
N ALA B 173 -13.01 -15.31 16.09
CA ALA B 173 -12.04 -14.28 15.72
C ALA B 173 -10.84 -14.29 16.66
N SER B 185 -12.34 -11.05 8.77
CA SER B 185 -12.38 -11.14 10.23
C SER B 185 -12.56 -12.60 10.78
N VAL B 186 -13.41 -13.44 10.17
CA VAL B 186 -13.55 -14.85 10.58
C VAL B 186 -13.51 -15.78 9.37
N GLY B 187 -13.24 -17.06 9.64
CA GLY B 187 -13.25 -18.07 8.60
C GLY B 187 -13.72 -19.43 9.12
N GLY B 188 -13.80 -20.37 8.19
CA GLY B 188 -14.15 -21.74 8.57
C GLY B 188 -14.18 -22.62 7.35
N SER B 189 -14.73 -23.82 7.53
CA SER B 189 -14.87 -24.80 6.46
C SER B 189 -16.25 -25.40 6.46
N MET B 190 -16.84 -25.53 5.26
CA MET B 190 -18.00 -26.38 5.01
C MET B 190 -17.52 -27.51 4.11
N ILE B 191 -17.43 -28.71 4.68
CA ILE B 191 -17.07 -29.91 3.92
C ILE B 191 -18.36 -30.53 3.41
N ILE B 192 -18.61 -30.42 2.10
CA ILE B 192 -19.83 -30.92 1.50
C ILE B 192 -19.59 -32.35 1.03
N GLY B 193 -20.28 -33.31 1.64
CA GLY B 193 -20.18 -34.69 1.25
C GLY B 193 -19.28 -35.56 2.11
N GLY B 194 -18.77 -35.05 3.22
CA GLY B 194 -17.90 -35.88 4.01
C GLY B 194 -17.34 -35.19 5.24
N ILE B 195 -16.35 -35.86 5.81
CA ILE B 195 -15.68 -35.44 7.03
C ILE B 195 -14.21 -35.29 6.71
N ASP B 196 -13.60 -34.21 7.19
CA ASP B 196 -12.17 -33.97 7.01
C ASP B 196 -11.50 -34.10 8.37
N HIS B 197 -10.59 -35.06 8.50
CA HIS B 197 -10.08 -35.44 9.81
C HIS B 197 -9.09 -34.45 10.37
N SER B 198 -8.58 -33.53 9.55
CA SER B 198 -7.67 -32.50 10.02
C SER B 198 -8.38 -31.30 10.59
N LEU B 199 -9.72 -31.25 10.52
CA LEU B 199 -10.47 -30.16 11.09
C LEU B 199 -10.84 -30.38 12.55
N TYR B 200 -10.54 -31.56 13.13
CA TYR B 200 -10.83 -31.79 14.52
C TYR B 200 -9.76 -32.65 15.16
N THR B 201 -9.71 -32.59 16.49
CA THR B 201 -8.95 -33.50 17.33
C THR B 201 -9.91 -34.32 18.20
N GLY B 202 -9.38 -35.39 18.78
CA GLY B 202 -10.22 -36.27 19.57
C GLY B 202 -11.16 -37.06 18.67
N SER B 203 -12.15 -37.65 19.31
CA SER B 203 -13.14 -38.43 18.61
C SER B 203 -14.40 -37.61 18.35
N LEU B 204 -15.18 -38.07 17.36
CA LEU B 204 -16.52 -37.56 17.13
C LEU B 204 -17.52 -38.28 18.06
N TRP B 205 -18.35 -37.49 18.75
CA TRP B 205 -19.49 -37.95 19.53
C TRP B 205 -20.78 -37.51 18.83
N TYR B 206 -21.70 -38.45 18.63
CA TYR B 206 -22.92 -38.22 17.86
C TYR B 206 -24.16 -38.26 18.76
N THR B 207 -25.13 -37.40 18.46
CA THR B 207 -26.43 -37.33 19.09
C THR B 207 -27.51 -37.47 18.01
N PRO B 208 -28.58 -38.21 18.27
CA PRO B 208 -29.59 -38.45 17.23
C PRO B 208 -30.34 -37.17 16.85
N ILE B 209 -30.68 -37.08 15.56
CA ILE B 209 -31.62 -36.09 15.07
C ILE B 209 -33.02 -36.58 15.44
N ARG B 210 -33.67 -35.88 16.35
CA ARG B 210 -34.94 -36.38 16.85
C ARG B 210 -35.98 -36.42 15.75
N ARG B 211 -35.95 -35.43 14.84
CA ARG B 211 -36.94 -35.27 13.79
C ARG B 211 -36.31 -34.43 12.67
N GLU B 212 -36.58 -34.83 11.42
CA GLU B 212 -36.03 -34.14 10.25
C GLU B 212 -36.89 -32.94 9.84
N TRP B 213 -36.79 -31.85 10.61
CA TRP B 213 -37.30 -30.55 10.18
C TRP B 213 -36.22 -29.49 10.37
N TYR B 214 -36.08 -28.94 11.58
CA TYR B 214 -34.80 -28.38 11.99
C TYR B 214 -33.82 -29.52 12.25
N TYR B 215 -32.59 -29.16 12.57
CA TYR B 215 -31.68 -30.15 13.14
C TYR B 215 -32.00 -30.22 14.64
N GLU B 216 -32.92 -31.11 15.00
CA GLU B 216 -33.42 -31.17 16.36
C GLU B 216 -32.70 -32.28 17.12
N VAL B 217 -32.27 -31.95 18.33
CA VAL B 217 -31.52 -32.83 19.21
C VAL B 217 -32.15 -32.71 20.59
N ILE B 218 -31.69 -33.52 21.53
CA ILE B 218 -32.26 -33.55 22.87
C ILE B 218 -31.18 -33.26 23.90
N ILE B 219 -31.29 -32.12 24.58
CA ILE B 219 -30.43 -31.84 25.71
C ILE B 219 -30.97 -32.59 26.93
N VAL B 220 -30.11 -33.32 27.61
CA VAL B 220 -30.54 -34.19 28.70
C VAL B 220 -30.05 -33.72 30.05
N ARG B 221 -29.13 -32.77 30.10
CA ARG B 221 -28.62 -32.22 31.34
C ARG B 221 -27.83 -30.98 31.02
N VAL B 222 -27.85 -30.03 31.97
CA VAL B 222 -27.11 -28.79 31.86
C VAL B 222 -26.36 -28.54 33.16
N GLU B 223 -25.06 -28.32 33.06
CA GLU B 223 -24.20 -27.99 34.18
C GLU B 223 -23.54 -26.66 33.91
N ILE B 224 -23.39 -25.87 34.98
CA ILE B 224 -22.74 -24.58 34.94
C ILE B 224 -21.80 -24.51 36.12
N ASN B 225 -20.51 -24.28 35.86
CA ASN B 225 -19.47 -24.38 36.88
C ASN B 225 -19.47 -25.77 37.51
N GLY B 226 -19.77 -26.78 36.70
CA GLY B 226 -19.77 -28.15 37.14
C GLY B 226 -20.95 -28.55 37.99
N GLN B 227 -21.84 -27.61 38.30
CA GLN B 227 -22.98 -27.85 39.19
C GLN B 227 -24.25 -28.00 38.36
N ASP B 228 -25.03 -29.04 38.65
CA ASP B 228 -26.25 -29.30 37.91
C ASP B 228 -27.25 -28.15 38.09
N LEU B 229 -27.91 -27.75 37.00
CA LEU B 229 -29.02 -26.80 37.09
C LEU B 229 -30.23 -27.37 37.82
N LYS B 230 -30.29 -28.70 38.02
CA LYS B 230 -31.36 -29.37 38.76
C LYS B 230 -32.72 -28.94 38.23
N MET B 231 -32.92 -29.11 36.93
CA MET B 231 -34.19 -28.84 36.29
C MET B 231 -34.73 -30.08 35.60
N ASP B 232 -36.06 -30.17 35.51
CA ASP B 232 -36.68 -31.18 34.67
C ASP B 232 -36.09 -31.05 33.28
N CYS B 233 -35.52 -32.12 32.76
CA CYS B 233 -34.81 -31.98 31.49
C CYS B 233 -35.75 -31.66 30.34
N LYS B 234 -37.07 -31.79 30.51
CA LYS B 234 -37.99 -31.31 29.47
C LYS B 234 -37.88 -29.81 29.28
N GLU B 235 -37.55 -29.08 30.35
CA GLU B 235 -37.41 -27.62 30.24
C GLU B 235 -36.34 -27.26 29.23
N TYR B 236 -35.26 -28.04 29.19
CA TYR B 236 -34.16 -27.80 28.26
C TYR B 236 -34.61 -27.89 26.81
N ASN B 237 -35.61 -28.71 26.52
CA ASN B 237 -36.04 -29.00 25.16
C ASN B 237 -37.44 -28.47 24.89
N TYR B 238 -37.84 -27.45 25.62
CA TYR B 238 -39.18 -26.88 25.53
C TYR B 238 -39.10 -25.62 24.67
N ASP B 239 -39.65 -25.65 23.45
CA ASP B 239 -40.36 -26.79 22.84
C ASP B 239 -39.50 -27.61 21.87
N LYS B 240 -38.28 -27.17 21.64
CA LYS B 240 -37.31 -27.91 20.85
C LYS B 240 -35.91 -27.44 21.20
N SER B 241 -34.93 -28.20 20.74
CA SER B 241 -33.54 -27.80 20.78
C SER B 241 -33.01 -28.01 19.38
N ILE B 242 -32.37 -27.00 18.81
CA ILE B 242 -31.89 -27.09 17.43
C ILE B 242 -30.46 -26.58 17.33
N VAL B 243 -29.77 -27.02 16.28
CA VAL B 243 -28.45 -26.54 15.94
C VAL B 243 -28.61 -25.62 14.74
N ASP B 244 -28.27 -24.34 14.93
CA ASP B 244 -28.56 -23.30 13.96
C ASP B 244 -27.30 -22.45 13.73
N SER B 245 -26.60 -22.69 12.64
CA SER B 245 -25.44 -21.87 12.31
C SER B 245 -25.82 -20.44 11.94
N GLY B 246 -27.09 -20.19 11.66
CA GLY B 246 -27.57 -18.89 11.24
C GLY B 246 -28.00 -17.97 12.36
N THR B 247 -27.75 -18.36 13.59
CA THR B 247 -28.06 -17.59 14.78
C THR B 247 -26.80 -17.42 15.59
N THR B 248 -26.49 -16.20 15.99
CA THR B 248 -25.27 -16.00 16.74
C THR B 248 -25.35 -16.65 18.11
N ASN B 249 -26.42 -16.38 18.85
CA ASN B 249 -26.44 -16.64 20.29
C ASN B 249 -26.78 -18.09 20.62
N LEU B 250 -26.41 -18.47 21.85
CA LEU B 250 -27.07 -19.58 22.54
C LEU B 250 -28.34 -19.04 23.17
N ARG B 251 -29.49 -19.58 22.75
CA ARG B 251 -30.79 -19.11 23.26
C ARG B 251 -31.46 -20.20 24.08
N LEU B 252 -31.86 -19.86 25.29
CA LEU B 252 -32.43 -20.81 26.24
C LEU B 252 -33.89 -20.48 26.51
N PRO B 253 -34.72 -21.50 26.74
CA PRO B 253 -36.11 -21.24 27.17
C PRO B 253 -36.14 -20.42 28.44
N LYS B 254 -37.24 -19.66 28.60
CA LYS B 254 -37.33 -18.64 29.64
C LYS B 254 -36.85 -19.14 31.00
N LYS B 255 -37.39 -20.28 31.46
CA LYS B 255 -37.04 -20.80 32.78
C LYS B 255 -35.56 -21.19 32.88
N VAL B 256 -35.03 -21.87 31.84
CA VAL B 256 -33.63 -22.28 31.86
C VAL B 256 -32.72 -21.06 31.78
N PHE B 257 -33.08 -20.07 30.97
CA PHE B 257 -32.28 -18.85 30.89
C PHE B 257 -32.12 -18.20 32.27
N GLU B 258 -33.22 -18.01 32.98
CA GLU B 258 -33.15 -17.40 34.30
C GLU B 258 -32.23 -18.17 35.23
N ALA B 259 -32.37 -19.50 35.25
CA ALA B 259 -31.50 -20.32 36.09
C ALA B 259 -30.04 -20.17 35.69
N ALA B 260 -29.78 -20.16 34.38
CA ALA B 260 -28.41 -20.09 33.91
C ALA B 260 -27.78 -18.74 34.23
N VAL B 261 -28.54 -17.66 34.05
CA VAL B 261 -28.05 -16.33 34.41
C VAL B 261 -27.80 -16.26 35.92
N LYS B 262 -28.69 -16.87 36.71
CA LYS B 262 -28.49 -16.90 38.16
C LYS B 262 -27.21 -17.64 38.54
N SER B 263 -26.92 -18.74 37.85
CA SER B 263 -25.71 -19.51 38.14
C SER B 263 -24.45 -18.79 37.66
N ILE B 264 -24.55 -18.06 36.54
CA ILE B 264 -23.40 -17.32 36.04
C ILE B 264 -23.13 -16.08 36.89
N LYS B 265 -24.18 -15.37 37.30
CA LYS B 265 -24.03 -14.24 38.23
C LYS B 265 -23.29 -14.67 39.50
N ALA B 266 -23.73 -15.78 40.10
CA ALA B 266 -23.09 -16.26 41.32
C ALA B 266 -21.61 -16.54 41.12
N ALA B 267 -21.24 -17.14 39.97
CA ALA B 267 -19.84 -17.47 39.78
C ALA B 267 -18.99 -16.22 39.54
N SER B 268 -19.59 -15.16 38.99
CA SER B 268 -18.88 -13.93 38.65
C SER B 268 -19.35 -12.73 39.45
N SER B 269 -19.94 -12.95 40.63
CA SER B 269 -20.34 -11.84 41.48
C SER B 269 -19.15 -11.06 42.00
N THR B 270 -17.93 -11.56 41.78
CA THR B 270 -16.71 -10.81 42.08
C THR B 270 -16.78 -9.37 41.58
N GLU B 271 -17.41 -9.17 40.42
CA GLU B 271 -17.55 -7.85 39.81
C GLU B 271 -19.02 -7.54 39.58
N LYS B 272 -19.28 -6.27 39.27
CA LYS B 272 -20.64 -5.75 39.12
C LYS B 272 -20.89 -5.44 37.66
N PHE B 273 -22.07 -5.85 37.19
CA PHE B 273 -22.48 -5.63 35.82
C PHE B 273 -23.88 -5.05 35.80
N PRO B 274 -24.15 -4.10 34.90
CA PRO B 274 -25.54 -3.63 34.73
C PRO B 274 -26.46 -4.79 34.38
N ASP B 275 -27.69 -4.72 34.90
CA ASP B 275 -28.66 -5.76 34.58
C ASP B 275 -29.03 -5.80 33.10
N GLY B 276 -28.78 -4.71 32.37
CA GLY B 276 -28.91 -4.66 30.91
C GLY B 276 -27.80 -5.32 30.14
N PHE B 277 -26.73 -5.73 30.81
CA PHE B 277 -25.69 -6.54 30.18
C PHE B 277 -26.18 -7.96 29.96
N TRP B 278 -26.81 -8.53 30.99
CA TRP B 278 -27.34 -9.88 30.93
C TRP B 278 -28.49 -10.00 29.94
N LEU B 279 -29.02 -8.88 29.44
CA LEU B 279 -30.08 -8.87 28.45
C LEU B 279 -29.59 -8.49 27.05
N GLY B 280 -28.28 -8.30 26.87
CA GLY B 280 -27.72 -8.00 25.56
C GLY B 280 -27.82 -6.56 25.13
N GLU B 281 -28.12 -5.66 26.06
CA GLU B 281 -28.34 -4.25 25.77
C GLU B 281 -27.11 -3.39 26.06
N GLN B 282 -26.35 -3.70 27.12
CA GLN B 282 -25.16 -2.97 27.49
C GLN B 282 -23.93 -3.86 27.39
N LEU B 283 -22.83 -3.30 26.88
CA LEU B 283 -21.54 -3.97 26.86
C LEU B 283 -20.88 -3.93 28.25
N VAL B 284 -19.77 -4.66 28.36
CA VAL B 284 -18.89 -4.62 29.52
C VAL B 284 -17.48 -4.52 28.97
N CYS B 285 -16.62 -3.75 29.65
CA CYS B 285 -15.27 -3.54 29.14
C CYS B 285 -14.25 -3.62 30.26
N TRP B 286 -13.09 -4.13 29.91
CA TRP B 286 -11.93 -4.11 30.78
C TRP B 286 -10.75 -3.60 29.98
N GLN B 287 -9.80 -2.99 30.67
CA GLN B 287 -8.57 -2.55 30.02
C GLN B 287 -7.91 -3.73 29.33
N ALA B 288 -7.60 -3.56 28.04
CA ALA B 288 -7.09 -4.61 27.15
C ALA B 288 -6.21 -5.64 27.83
N GLY B 289 -6.41 -6.92 27.50
CA GLY B 289 -5.62 -7.99 28.08
C GLY B 289 -5.87 -8.25 29.55
N THR B 290 -6.86 -7.61 30.15
CA THR B 290 -7.19 -7.83 31.55
C THR B 290 -8.59 -8.42 31.68
N THR B 291 -9.02 -9.17 30.66
CA THR B 291 -10.33 -9.81 30.69
C THR B 291 -10.35 -10.91 31.75
N PRO B 292 -11.18 -10.80 32.80
CA PRO B 292 -11.17 -11.75 33.92
C PRO B 292 -11.84 -13.09 33.59
N TRP B 293 -11.28 -13.79 32.61
CA TRP B 293 -11.88 -15.04 32.12
C TRP B 293 -12.15 -16.02 33.25
N ASN B 294 -11.25 -16.07 34.23
CA ASN B 294 -11.28 -17.12 35.24
C ASN B 294 -12.47 -17.05 36.19
N ILE B 295 -13.19 -15.91 36.26
CA ILE B 295 -14.34 -15.80 37.17
C ILE B 295 -15.65 -16.11 36.47
N PHE B 296 -15.61 -16.44 35.20
CA PHE B 296 -16.77 -16.90 34.46
C PHE B 296 -16.76 -18.42 34.33
N PRO B 297 -17.86 -19.09 34.60
CA PRO B 297 -17.86 -20.55 34.59
C PRO B 297 -17.92 -21.11 33.17
N VAL B 298 -17.58 -22.39 33.06
CA VAL B 298 -17.85 -23.13 31.85
C VAL B 298 -19.27 -23.66 31.92
N ILE B 299 -19.91 -23.78 30.76
CA ILE B 299 -21.24 -24.34 30.64
C ILE B 299 -21.12 -25.67 29.92
N SER B 300 -21.70 -26.71 30.51
CA SER B 300 -21.72 -28.03 29.91
C SER B 300 -23.14 -28.39 29.49
N LEU B 301 -23.34 -28.70 28.20
CA LEU B 301 -24.59 -29.23 27.69
C LEU B 301 -24.43 -30.73 27.41
N TYR B 302 -25.21 -31.56 28.10
CA TYR B 302 -25.20 -32.99 27.83
C TYR B 302 -26.27 -33.34 26.79
N LEU B 303 -25.86 -34.06 25.75
CA LEU B 303 -26.68 -34.42 24.62
C LEU B 303 -26.92 -35.93 24.61
N MET B 304 -28.11 -36.33 24.18
CA MET B 304 -28.44 -37.76 24.11
C MET B 304 -27.47 -38.48 23.21
N GLY B 305 -26.96 -39.62 23.66
CA GLY B 305 -25.99 -40.40 22.90
C GLY B 305 -26.61 -41.40 21.94
N GLU B 306 -25.75 -42.30 21.46
CA GLU B 306 -26.13 -43.33 20.50
C GLU B 306 -26.42 -44.70 21.07
N VAL B 307 -26.00 -45.01 22.30
CA VAL B 307 -26.39 -46.27 22.95
C VAL B 307 -27.16 -46.00 24.23
N THR B 308 -27.85 -47.06 24.68
CA THR B 308 -28.81 -47.02 25.79
C THR B 308 -28.20 -46.35 27.02
N ASN B 309 -28.85 -45.28 27.46
CA ASN B 309 -28.50 -44.64 28.72
C ASN B 309 -27.18 -43.90 28.64
N GLN B 310 -26.70 -43.61 27.44
CA GLN B 310 -25.41 -42.98 27.23
C GLN B 310 -25.57 -41.61 26.62
N SER B 311 -25.02 -40.61 27.30
CA SER B 311 -24.85 -39.23 26.82
C SER B 311 -23.37 -38.89 26.66
N PHE B 312 -23.13 -37.67 26.20
CA PHE B 312 -21.82 -37.05 26.13
C PHE B 312 -22.06 -35.57 26.33
N ARG B 313 -21.00 -34.84 26.59
CA ARG B 313 -21.18 -33.42 26.83
C ARG B 313 -20.23 -32.57 25.99
N ILE B 314 -20.68 -31.35 25.68
CA ILE B 314 -19.85 -30.30 25.13
C ILE B 314 -19.78 -29.17 26.16
N THR B 315 -18.59 -28.65 26.38
CA THR B 315 -18.35 -27.57 27.32
C THR B 315 -18.01 -26.32 26.54
N ILE B 316 -18.70 -25.22 26.84
CA ILE B 316 -18.43 -23.96 26.16
C ILE B 316 -17.74 -23.03 27.14
N LEU B 317 -16.67 -22.40 26.68
CA LEU B 317 -15.93 -21.46 27.53
C LEU B 317 -16.57 -20.08 27.50
N PRO B 318 -16.27 -19.24 28.50
CA PRO B 318 -16.76 -17.86 28.47
C PRO B 318 -16.28 -17.09 27.25
N GLN B 319 -15.09 -17.41 26.73
CA GLN B 319 -14.64 -16.78 25.50
C GLN B 319 -15.60 -17.07 24.35
N GLN B 320 -16.47 -18.08 24.51
CA GLN B 320 -17.49 -18.34 23.51
C GLN B 320 -18.77 -17.57 23.77
N TYR B 321 -19.25 -17.52 25.02
CA TYR B 321 -20.50 -16.81 25.26
C TYR B 321 -20.32 -15.36 25.68
N LEU B 322 -19.09 -14.84 25.74
CA LEU B 322 -18.84 -13.40 25.77
C LEU B 322 -18.26 -13.01 24.41
N ARG B 323 -19.11 -12.47 23.54
CA ARG B 323 -18.79 -12.18 22.15
C ARG B 323 -18.17 -10.79 22.03
N PRO B 324 -17.04 -10.66 21.34
CA PRO B 324 -16.35 -9.37 21.28
C PRO B 324 -17.05 -8.38 20.37
N VAL B 325 -16.91 -7.11 20.72
CA VAL B 325 -17.56 -6.01 20.02
C VAL B 325 -16.57 -4.85 19.90
N GLU B 326 -17.00 -3.80 19.18
CA GLU B 326 -16.18 -2.63 18.90
C GLU B 326 -16.24 -1.61 20.04
N ASP B 327 -15.09 -1.09 20.44
CA ASP B 327 -15.00 -0.08 21.50
C ASP B 327 -15.76 1.19 21.14
N VAL B 328 -16.78 1.51 21.95
CA VAL B 328 -17.54 2.74 21.74
C VAL B 328 -16.68 3.98 22.03
N ALA B 329 -15.75 3.90 22.99
CA ALA B 329 -14.88 5.01 23.34
C ALA B 329 -13.63 5.03 22.47
N THR B 330 -12.77 6.03 22.71
CA THR B 330 -11.52 6.19 21.98
C THR B 330 -10.40 5.33 22.58
N SER B 331 -10.76 4.22 23.21
CA SER B 331 -9.83 3.37 23.93
C SER B 331 -9.44 2.11 23.13
N GLN B 332 -8.50 1.38 23.70
CA GLN B 332 -8.20 0.00 23.33
C GLN B 332 -8.74 -1.00 24.35
N ASP B 333 -9.75 -0.61 25.13
CA ASP B 333 -10.40 -1.57 26.01
C ASP B 333 -10.97 -2.74 25.21
N ASP B 334 -10.94 -3.94 25.78
CA ASP B 334 -11.68 -5.07 25.22
C ASP B 334 -13.11 -5.02 25.74
N CYS B 335 -14.06 -5.09 24.82
CA CYS B 335 -15.47 -5.00 25.19
C CYS B 335 -16.23 -6.20 24.65
N TYR B 336 -17.22 -6.65 25.43
CA TYR B 336 -17.89 -7.90 25.15
C TYR B 336 -19.38 -7.78 25.42
N LYS B 337 -20.15 -8.43 24.56
CA LYS B 337 -21.59 -8.59 24.71
C LYS B 337 -21.87 -9.96 25.32
N PHE B 338 -22.95 -10.04 26.09
CA PHE B 338 -23.43 -11.33 26.58
C PHE B 338 -24.25 -12.00 25.48
N ALA B 339 -23.79 -13.19 25.03
CA ALA B 339 -24.39 -13.88 23.89
C ALA B 339 -25.20 -15.10 24.31
N ILE B 340 -25.78 -15.08 25.51
CA ILE B 340 -26.84 -16.01 25.90
C ILE B 340 -28.12 -15.22 26.09
N SER B 341 -29.12 -15.49 25.27
CA SER B 341 -30.34 -14.72 25.29
C SER B 341 -31.55 -15.60 25.53
N GLN B 342 -32.62 -14.96 25.97
CA GLN B 342 -33.85 -15.64 26.32
C GLN B 342 -34.63 -15.98 25.05
N SER B 343 -35.35 -17.09 25.09
CA SER B 343 -36.07 -17.58 23.93
C SER B 343 -37.44 -18.08 24.37
N SER B 344 -38.39 -18.05 23.43
CA SER B 344 -39.69 -18.63 23.63
C SER B 344 -39.99 -19.76 22.64
N THR B 345 -39.08 -20.03 21.72
CA THR B 345 -39.26 -21.06 20.71
C THR B 345 -38.36 -22.27 20.93
N GLY B 346 -37.69 -22.38 22.07
CA GLY B 346 -36.84 -23.52 22.37
C GLY B 346 -35.40 -23.12 22.58
N THR B 347 -34.53 -24.13 22.65
CA THR B 347 -33.10 -23.92 22.71
C THR B 347 -32.53 -23.80 21.30
N VAL B 348 -31.75 -22.76 21.06
CA VAL B 348 -30.98 -22.60 19.84
C VAL B 348 -29.51 -22.66 20.21
N MET B 349 -28.82 -23.69 19.72
CA MET B 349 -27.37 -23.74 19.79
C MET B 349 -26.85 -23.02 18.53
N GLY B 350 -26.49 -21.75 18.69
CA GLY B 350 -26.05 -20.92 17.58
C GLY B 350 -24.56 -20.98 17.35
N ALA B 351 -24.06 -19.99 16.60
CA ALA B 351 -22.66 -19.97 16.21
C ALA B 351 -21.75 -19.89 17.42
N VAL B 352 -22.24 -19.27 18.50
CA VAL B 352 -21.55 -19.29 19.79
C VAL B 352 -21.20 -20.71 20.22
N ILE B 353 -22.16 -21.64 20.13
CA ILE B 353 -21.88 -23.02 20.53
C ILE B 353 -20.98 -23.71 19.50
N MET B 354 -21.27 -23.52 18.22
CA MET B 354 -20.62 -24.30 17.17
C MET B 354 -19.16 -23.94 16.96
N GLU B 355 -18.72 -22.75 17.42
CA GLU B 355 -17.35 -22.28 17.13
C GLU B 355 -16.28 -23.11 17.83
N GLY B 356 -16.57 -23.65 19.00
CA GLY B 356 -15.58 -24.53 19.60
C GLY B 356 -15.39 -25.84 18.85
N PHE B 357 -16.28 -26.17 17.92
CA PHE B 357 -16.45 -27.55 17.52
C PHE B 357 -16.47 -27.69 15.99
N TYR B 358 -16.14 -28.90 15.59
CA TYR B 358 -16.39 -29.41 14.25
C TYR B 358 -17.69 -30.21 14.33
N VAL B 359 -18.69 -29.79 13.55
CA VAL B 359 -20.06 -30.27 13.68
C VAL B 359 -20.45 -30.99 12.40
N VAL B 360 -20.71 -32.29 12.50
CA VAL B 360 -21.06 -33.12 11.36
C VAL B 360 -22.57 -33.28 11.29
N PHE B 361 -23.18 -32.85 10.19
CA PHE B 361 -24.61 -33.01 9.98
C PHE B 361 -24.79 -34.27 9.13
N ASP B 362 -24.82 -35.40 9.83
CA ASP B 362 -24.88 -36.71 9.19
C ASP B 362 -26.34 -37.04 8.89
N ARG B 363 -26.83 -36.44 7.80
CA ARG B 363 -28.22 -36.66 7.41
C ARG B 363 -28.50 -38.14 7.14
N ALA B 364 -27.59 -38.82 6.44
CA ALA B 364 -27.81 -40.21 6.08
C ALA B 364 -27.98 -41.12 7.30
N ARG B 365 -27.38 -40.79 8.44
CA ARG B 365 -27.52 -41.64 9.60
C ARG B 365 -28.36 -40.99 10.70
N LYS B 366 -29.14 -39.96 10.36
CA LYS B 366 -30.00 -39.25 11.30
C LYS B 366 -29.26 -38.88 12.59
N ARG B 367 -28.08 -38.25 12.44
CA ARG B 367 -27.30 -37.91 13.63
C ARG B 367 -26.43 -36.68 13.39
N ILE B 368 -26.04 -36.05 14.49
CA ILE B 368 -25.17 -34.88 14.47
C ILE B 368 -23.97 -35.19 15.34
N GLY B 369 -22.78 -34.93 14.81
CA GLY B 369 -21.53 -35.21 15.51
C GLY B 369 -20.83 -33.97 16.00
N PHE B 370 -20.22 -34.06 17.17
CA PHE B 370 -19.43 -32.98 17.74
C PHE B 370 -18.00 -33.45 18.01
N ALA B 371 -17.03 -32.60 17.69
CA ALA B 371 -15.65 -32.86 18.05
C ALA B 371 -14.99 -31.54 18.36
N VAL B 372 -13.95 -31.61 19.19
CA VAL B 372 -13.17 -30.41 19.46
C VAL B 372 -12.52 -29.97 18.16
N SER B 373 -12.71 -28.70 17.83
CA SER B 373 -12.26 -28.15 16.55
C SER B 373 -10.75 -27.91 16.53
N ALA B 374 -10.17 -28.09 15.34
CA ALA B 374 -8.77 -27.72 15.13
C ALA B 374 -8.55 -26.24 15.38
N CYS B 375 -9.59 -25.42 15.33
CA CYS B 375 -9.42 -24.00 15.59
C CYS B 375 -10.21 -23.54 16.81
N HIS B 376 -10.16 -24.26 17.93
CA HIS B 376 -10.97 -23.84 19.07
C HIS B 376 -10.23 -22.75 19.83
N VAL B 377 -10.82 -21.55 19.93
CA VAL B 377 -10.20 -20.51 20.73
C VAL B 377 -10.19 -20.99 22.16
N HIS B 378 -9.06 -20.75 22.85
CA HIS B 378 -8.83 -21.38 24.14
C HIS B 378 -7.78 -20.57 24.90
N ASP B 379 -7.97 -20.43 26.21
CA ASP B 379 -6.96 -19.84 27.07
C ASP B 379 -6.12 -20.95 27.69
N GLU B 380 -4.93 -20.57 28.15
CA GLU B 380 -3.99 -21.57 28.61
C GLU B 380 -4.41 -22.25 29.96
N PHE B 381 -5.65 -22.15 30.42
CA PHE B 381 -6.09 -22.78 31.67
C PHE B 381 -7.28 -23.72 31.47
N ARG B 382 -8.17 -23.42 30.52
CA ARG B 382 -9.33 -24.26 30.23
C ARG B 382 -9.51 -24.37 28.72
N THR B 383 -10.29 -25.37 28.30
CA THR B 383 -10.50 -25.61 26.88
C THR B 383 -11.95 -26.03 26.62
N ALA B 384 -12.45 -25.65 25.45
CA ALA B 384 -13.69 -26.25 24.98
C ALA B 384 -13.45 -27.76 24.83
N ALA B 385 -14.49 -28.56 25.08
CA ALA B 385 -14.25 -30.01 25.07
C ALA B 385 -15.51 -30.76 24.67
N VAL B 386 -15.29 -31.98 24.19
CA VAL B 386 -16.34 -32.94 23.91
C VAL B 386 -15.93 -34.20 24.64
N GLU B 387 -16.66 -34.55 25.69
CA GLU B 387 -16.27 -35.61 26.59
C GLU B 387 -17.39 -36.63 26.71
N GLY B 388 -17.01 -37.92 26.82
CA GLY B 388 -17.91 -39.03 27.05
C GLY B 388 -17.18 -40.33 27.32
N PRO B 389 -17.93 -41.42 27.55
CA PRO B 389 -19.39 -41.49 27.67
C PRO B 389 -19.85 -41.11 29.05
N PHE B 390 -21.11 -40.72 29.19
CA PHE B 390 -21.76 -40.55 30.49
C PHE B 390 -23.00 -41.41 30.52
N VAL B 391 -23.42 -41.79 31.72
CA VAL B 391 -24.67 -42.53 31.88
C VAL B 391 -25.77 -41.56 32.27
N THR B 392 -26.85 -41.55 31.51
CA THR B 392 -28.02 -40.74 31.82
C THR B 392 -29.26 -41.61 31.60
N LEU B 393 -30.11 -41.69 32.63
CA LEU B 393 -31.33 -42.48 32.58
C LEU B 393 -32.50 -41.72 31.98
N ASP B 394 -33.37 -42.47 31.31
CA ASP B 394 -34.63 -41.96 30.74
C ASP B 394 -34.41 -40.83 29.76
N MET B 395 -33.41 -40.98 28.89
CA MET B 395 -33.09 -39.84 28.03
C MET B 395 -34.24 -39.46 27.13
N GLU B 396 -35.07 -40.41 26.72
CA GLU B 396 -36.15 -40.12 25.79
C GLU B 396 -37.18 -39.17 26.39
N ASP B 397 -37.42 -39.26 27.69
CA ASP B 397 -38.39 -38.42 28.37
C ASP B 397 -37.99 -36.95 28.38
N CYS B 398 -36.80 -36.61 27.88
CA CYS B 398 -36.35 -35.23 27.91
C CYS B 398 -36.86 -34.44 26.72
N GLY B 399 -37.24 -35.13 25.64
CA GLY B 399 -37.86 -34.43 24.52
C GLY B 399 -39.29 -34.00 24.83
N TYR B 400 -39.65 -32.83 24.34
CA TYR B 400 -40.98 -32.28 24.51
C TYR B 400 -41.88 -32.65 23.32
N ASN B 401 -43.12 -33.03 23.63
CA ASN B 401 -44.09 -33.41 22.59
C ASN B 401 -45.21 -32.37 22.50
N SER C 14 -0.98 45.28 2.64
CA SER C 14 -1.03 46.47 1.78
C SER C 14 -0.58 46.15 0.36
N PHE C 15 -0.32 44.87 0.15
CA PHE C 15 0.39 44.39 -1.03
C PHE C 15 -0.51 44.09 -2.24
N VAL C 16 -1.83 44.07 -2.09
CA VAL C 16 -2.72 43.79 -3.22
C VAL C 16 -2.53 44.84 -4.31
N GLU C 17 -2.12 46.05 -3.93
CA GLU C 17 -1.82 47.13 -4.88
C GLU C 17 -0.77 46.73 -5.91
N MET C 18 0.14 45.81 -5.54
CA MET C 18 1.29 45.46 -6.35
C MET C 18 1.13 44.15 -7.10
N VAL C 19 0.06 43.40 -6.84
CA VAL C 19 -0.16 42.14 -7.54
C VAL C 19 -0.40 42.42 -9.01
N ASP C 20 0.22 41.63 -9.87
CA ASP C 20 0.04 41.75 -11.32
C ASP C 20 0.72 43.00 -11.87
N ASN C 21 1.80 43.46 -11.24
CA ASN C 21 2.51 44.65 -11.73
C ASN C 21 3.64 44.35 -12.72
N LEU C 22 3.85 43.09 -13.12
CA LEU C 22 4.88 42.73 -14.08
C LEU C 22 4.26 42.26 -15.38
N ARG C 23 4.86 42.69 -16.48
CA ARG C 23 4.50 42.24 -17.83
C ARG C 23 5.76 41.79 -18.56
N GLY C 24 5.55 41.13 -19.69
CA GLY C 24 6.65 40.78 -20.57
C GLY C 24 6.13 40.07 -21.81
N LYS C 25 6.98 40.05 -22.83
CA LYS C 25 6.79 39.16 -23.96
C LYS C 25 7.65 37.93 -23.69
N SER C 26 7.06 36.76 -23.87
CA SER C 26 7.66 35.50 -23.44
C SER C 26 9.12 35.40 -23.87
N GLY C 27 9.96 34.93 -22.94
CA GLY C 27 11.37 34.76 -23.23
C GLY C 27 12.16 36.03 -23.38
N GLN C 28 11.51 37.19 -23.24
CA GLN C 28 12.16 38.48 -23.38
C GLN C 28 12.16 39.29 -22.08
N GLY C 29 11.89 38.66 -20.95
CA GLY C 29 12.08 39.30 -19.65
C GLY C 29 10.81 39.90 -19.07
N TYR C 30 10.74 39.89 -17.74
CA TYR C 30 9.64 40.55 -17.04
C TYR C 30 10.05 41.97 -16.69
N TYR C 31 9.12 42.91 -16.88
CA TYR C 31 9.40 44.29 -16.53
C TYR C 31 8.33 44.86 -15.62
N VAL C 32 8.74 45.87 -14.85
CA VAL C 32 7.86 46.65 -13.99
C VAL C 32 7.85 48.08 -14.53
N GLU C 33 6.81 48.83 -14.18
CA GLU C 33 6.66 50.22 -14.62
C GLU C 33 7.21 51.16 -13.55
N MET C 34 8.10 52.06 -13.98
CA MET C 34 8.74 53.04 -13.10
C MET C 34 8.65 54.43 -13.73
N THR C 35 8.78 55.44 -12.89
CA THR C 35 8.93 56.82 -13.33
C THR C 35 10.22 57.38 -12.76
N VAL C 36 10.93 58.15 -13.56
CA VAL C 36 12.12 58.83 -13.09
C VAL C 36 12.04 60.28 -13.54
N GLY C 37 12.61 61.18 -12.73
CA GLY C 37 12.70 62.57 -13.08
C GLY C 37 11.48 63.38 -12.68
N SER C 38 11.67 64.71 -12.71
CA SER C 38 10.60 65.69 -12.50
C SER C 38 10.46 66.58 -13.73
N PRO C 39 9.33 66.56 -14.47
CA PRO C 39 8.15 65.73 -14.24
C PRO C 39 8.41 64.25 -14.48
N PRO C 40 7.57 63.40 -13.90
CA PRO C 40 7.73 61.95 -14.04
C PRO C 40 7.73 61.53 -15.50
N GLN C 41 8.83 60.91 -15.91
CA GLN C 41 8.90 60.22 -17.19
C GLN C 41 8.70 58.74 -16.92
N THR C 42 7.90 58.09 -17.75
CA THR C 42 7.44 56.73 -17.47
C THR C 42 8.23 55.75 -18.34
N LEU C 43 8.80 54.73 -17.71
CA LEU C 43 9.56 53.72 -18.42
C LEU C 43 9.28 52.34 -17.84
N ASN C 44 9.35 51.35 -18.72
CA ASN C 44 9.28 49.94 -18.33
C ASN C 44 10.68 49.38 -18.08
N ILE C 45 10.89 48.82 -16.89
CA ILE C 45 12.20 48.40 -16.40
C ILE C 45 12.21 46.89 -16.19
N LEU C 46 13.13 46.20 -16.86
CA LEU C 46 13.35 44.78 -16.67
C LEU C 46 13.83 44.53 -15.24
N VAL C 47 13.20 43.59 -14.53
CA VAL C 47 13.58 43.30 -13.15
C VAL C 47 14.55 42.12 -13.18
N ASP C 48 15.76 42.37 -12.69
CA ASP C 48 16.88 41.44 -12.83
C ASP C 48 17.56 41.23 -11.47
N THR C 49 17.30 40.06 -10.88
CA THR C 49 17.98 39.67 -9.65
C THR C 49 19.40 39.19 -9.93
N GLY C 50 19.85 39.24 -11.18
CA GLY C 50 21.17 38.78 -11.56
C GLY C 50 22.17 39.88 -11.88
N SER C 51 21.88 41.10 -11.42
CA SER C 51 22.76 42.25 -11.62
C SER C 51 22.37 43.31 -10.59
N SER C 52 23.10 44.43 -10.57
CA SER C 52 22.98 45.39 -9.49
C SER C 52 23.04 46.86 -9.95
N ASN C 53 22.93 47.12 -11.23
CA ASN C 53 22.91 48.48 -11.73
C ASN C 53 21.50 48.81 -12.20
N PHE C 54 21.02 49.98 -11.79
CA PHE C 54 19.81 50.58 -12.33
C PHE C 54 20.22 51.45 -13.52
N ALA C 55 19.76 51.07 -14.71
CA ALA C 55 20.16 51.76 -15.93
C ALA C 55 18.98 51.85 -16.90
N VAL C 56 18.87 52.99 -17.57
CA VAL C 56 17.83 53.23 -18.55
C VAL C 56 18.46 53.78 -19.82
N GLY C 57 17.87 53.43 -20.96
CA GLY C 57 18.25 54.08 -22.20
C GLY C 57 17.97 55.58 -22.13
N ALA C 58 18.92 56.37 -22.64
CA ALA C 58 18.83 57.82 -22.55
C ALA C 58 19.20 58.50 -23.86
N ALA C 59 19.00 57.81 -24.98
CA ALA C 59 19.33 58.28 -26.32
C ALA C 59 18.59 57.41 -27.31
N PRO C 60 18.28 57.90 -28.51
CA PRO C 60 17.52 57.09 -29.46
C PRO C 60 18.20 55.77 -29.76
N HIS C 61 17.39 54.75 -30.05
CA HIS C 61 17.85 53.42 -30.39
C HIS C 61 16.74 52.83 -31.25
N PRO C 62 17.08 52.04 -32.27
CA PRO C 62 16.03 51.46 -33.13
C PRO C 62 14.97 50.67 -32.35
N PHE C 63 15.39 49.98 -31.31
CA PHE C 63 14.53 49.11 -30.52
C PHE C 63 13.93 49.83 -29.32
N LEU C 64 14.16 51.13 -29.17
CA LEU C 64 13.57 51.88 -28.08
C LEU C 64 12.40 52.71 -28.57
N HIS C 65 11.28 52.61 -27.85
CA HIS C 65 10.06 53.33 -28.17
C HIS C 65 9.87 54.55 -27.27
N ARG C 66 10.77 54.76 -26.31
CA ARG C 66 10.85 55.96 -25.47
C ARG C 66 12.13 55.86 -24.67
N TYR C 67 12.54 56.97 -24.05
CA TYR C 67 13.82 56.95 -23.35
C TYR C 67 13.93 58.12 -22.38
N TYR C 68 14.87 57.97 -21.45
CA TYR C 68 15.11 58.96 -20.43
C TYR C 68 15.73 60.20 -21.04
N GLN C 69 15.21 61.36 -20.67
CA GLN C 69 15.70 62.64 -21.15
C GLN C 69 16.12 63.44 -19.92
N ARG C 70 17.41 63.36 -19.60
CA ARG C 70 17.93 64.11 -18.46
C ARG C 70 17.70 65.61 -18.64
N GLN C 71 17.78 66.09 -19.88
CA GLN C 71 17.56 67.50 -20.17
C GLN C 71 16.30 68.03 -19.50
N LEU C 72 15.20 67.28 -19.56
CA LEU C 72 13.88 67.72 -19.11
C LEU C 72 13.60 67.47 -17.64
N SER C 73 14.51 66.89 -16.87
CA SER C 73 14.26 66.65 -15.45
C SER C 73 15.00 67.69 -14.63
N SER C 74 14.26 68.40 -13.79
CA SER C 74 14.82 69.43 -12.93
C SER C 74 15.42 68.87 -11.65
N THR C 75 15.41 67.56 -11.47
CA THR C 75 16.03 66.93 -10.33
C THR C 75 17.21 66.05 -10.73
N TYR C 76 17.50 65.95 -12.02
CA TYR C 76 18.68 65.22 -12.45
C TYR C 76 19.95 65.82 -11.85
N ARG C 77 20.91 64.96 -11.57
CA ARG C 77 22.21 65.39 -11.08
C ARG C 77 23.26 64.55 -11.78
N ASP C 78 24.19 65.20 -12.48
CA ASP C 78 25.29 64.52 -13.14
C ASP C 78 26.33 64.12 -12.11
N LEU C 79 26.87 62.92 -12.25
CA LEU C 79 27.98 62.50 -11.41
C LEU C 79 29.31 62.59 -12.13
N ARG C 80 29.29 62.90 -13.43
CA ARG C 80 30.49 63.11 -14.24
C ARG C 80 31.46 61.94 -14.11
N LYS C 81 30.90 60.72 -14.04
CA LYS C 81 31.64 59.47 -14.13
C LYS C 81 30.95 58.58 -15.16
N GLY C 82 31.73 58.04 -16.08
CA GLY C 82 31.21 57.09 -17.03
C GLY C 82 31.18 55.70 -16.47
N VAL C 83 30.41 54.82 -17.11
CA VAL C 83 30.24 53.49 -16.56
C VAL C 83 29.98 52.51 -17.69
N TYR C 84 30.32 51.26 -17.44
CA TYR C 84 30.18 50.18 -18.39
C TYR C 84 29.77 48.93 -17.66
N VAL C 85 28.84 48.17 -18.25
CA VAL C 85 28.41 46.91 -17.66
C VAL C 85 28.34 45.87 -18.78
N PRO C 86 29.08 44.80 -18.67
CA PRO C 86 28.86 43.65 -19.56
C PRO C 86 27.94 42.61 -18.94
N TYR C 87 26.98 42.12 -19.70
CA TYR C 87 26.20 40.98 -19.22
C TYR C 87 26.78 39.74 -19.90
N THR C 88 26.16 38.59 -19.66
CA THR C 88 26.59 37.32 -20.27
C THR C 88 26.96 37.50 -21.73
N GLN C 89 26.16 38.32 -22.40
CA GLN C 89 26.25 38.62 -23.81
C GLN C 89 25.37 39.85 -23.98
N GLY C 90 25.89 40.86 -24.63
CA GLY C 90 25.23 42.16 -24.62
C GLY C 90 25.73 43.03 -23.48
N LYS C 91 25.80 44.34 -23.73
CA LYS C 91 26.48 45.28 -22.84
C LYS C 91 26.09 46.70 -23.18
N TRP C 92 26.34 47.62 -22.24
CA TRP C 92 26.06 49.03 -22.46
C TRP C 92 27.09 49.87 -21.72
N GLU C 93 27.30 51.09 -22.22
CA GLU C 93 27.98 52.09 -21.41
C GLU C 93 27.10 53.32 -21.34
N GLY C 94 27.36 54.15 -20.33
CA GLY C 94 26.55 55.32 -20.13
C GLY C 94 27.10 56.22 -19.05
N GLU C 95 26.29 57.20 -18.66
CA GLU C 95 26.70 58.26 -17.74
C GLU C 95 25.93 58.15 -16.43
N LEU C 96 26.67 58.11 -15.33
CA LEU C 96 26.06 58.06 -14.01
C LEU C 96 25.46 59.42 -13.63
N GLY C 97 24.34 59.36 -12.93
CA GLY C 97 23.69 60.51 -12.35
C GLY C 97 22.75 60.01 -11.28
N THR C 98 22.04 60.94 -10.65
CA THR C 98 20.96 60.59 -9.75
C THR C 98 19.70 61.35 -10.14
N ASP C 99 18.57 60.91 -9.58
CA ASP C 99 17.29 61.51 -9.87
C ASP C 99 16.20 60.82 -9.05
N LEU C 100 15.07 61.49 -8.87
CA LEU C 100 13.97 60.91 -8.10
C LEU C 100 13.26 59.84 -8.93
N VAL C 101 12.90 58.75 -8.26
CA VAL C 101 12.36 57.56 -8.92
C VAL C 101 11.11 57.11 -8.18
N SER C 102 10.12 56.62 -8.92
CA SER C 102 8.86 56.16 -8.35
C SER C 102 8.45 54.84 -9.00
N ILE C 103 7.64 54.07 -8.29
CA ILE C 103 7.08 52.84 -8.82
C ILE C 103 5.56 52.95 -8.75
N PRO C 104 4.90 53.26 -9.88
CA PRO C 104 3.44 53.51 -9.82
C PRO C 104 2.63 52.39 -9.21
N HIS C 105 2.81 51.15 -9.64
CA HIS C 105 2.08 50.03 -9.01
C HIS C 105 2.90 49.33 -7.94
N GLY C 106 3.71 50.10 -7.20
CA GLY C 106 4.49 49.60 -6.09
C GLY C 106 4.23 50.42 -4.84
N PRO C 107 5.19 50.42 -3.91
CA PRO C 107 5.01 51.22 -2.69
C PRO C 107 4.90 52.70 -3.03
N ASN C 108 4.15 53.41 -2.21
CA ASN C 108 3.84 54.80 -2.48
C ASN C 108 4.97 55.68 -1.94
N VAL C 109 6.11 55.68 -2.64
CA VAL C 109 7.30 56.41 -2.19
C VAL C 109 8.05 56.96 -3.40
N THR C 110 9.04 57.80 -3.10
CA THR C 110 9.95 58.41 -4.07
C THR C 110 11.35 58.42 -3.46
N VAL C 111 12.31 57.83 -4.16
CA VAL C 111 13.69 57.76 -3.68
C VAL C 111 14.59 58.46 -4.67
N ARG C 112 15.65 59.08 -4.15
CA ARG C 112 16.76 59.51 -4.99
C ARG C 112 17.68 58.32 -5.18
N ALA C 113 17.89 57.92 -6.42
CA ALA C 113 18.58 56.69 -6.73
C ALA C 113 19.62 56.95 -7.80
N ASN C 114 20.70 56.16 -7.78
CA ASN C 114 21.64 56.16 -8.88
C ASN C 114 20.97 55.67 -10.16
N ILE C 115 21.27 56.34 -11.26
CA ILE C 115 20.79 55.96 -12.57
C ILE C 115 21.96 56.09 -13.54
N ALA C 116 22.18 55.05 -14.32
CA ALA C 116 23.13 55.10 -15.41
C ALA C 116 22.34 55.36 -16.68
N ALA C 117 22.62 56.50 -17.32
CA ALA C 117 21.98 56.87 -18.58
C ALA C 117 22.69 56.14 -19.72
N ILE C 118 22.05 55.10 -20.26
CA ILE C 118 22.65 54.32 -21.34
C ILE C 118 22.74 55.18 -22.60
N THR C 119 23.95 55.34 -23.12
CA THR C 119 24.19 56.16 -24.30
C THR C 119 24.67 55.36 -25.50
N GLU C 120 25.37 54.25 -25.24
CA GLU C 120 25.81 53.31 -26.23
C GLU C 120 25.50 51.92 -25.71
N SER C 121 25.19 51.01 -26.62
CA SER C 121 24.87 49.64 -26.25
C SER C 121 25.09 48.72 -27.43
N ASP C 122 25.33 47.45 -27.14
CA ASP C 122 25.54 46.42 -28.16
C ASP C 122 24.89 45.13 -27.67
N LYS C 123 23.93 44.64 -28.47
CA LYS C 123 23.23 43.38 -28.19
C LYS C 123 22.57 43.37 -26.80
N PHE C 124 22.09 44.53 -26.33
CA PHE C 124 21.44 44.64 -25.03
C PHE C 124 19.93 44.82 -25.13
N PHE C 125 19.47 45.90 -25.76
CA PHE C 125 18.03 46.09 -25.97
C PHE C 125 17.48 45.06 -26.96
N ILE C 126 16.23 44.67 -26.75
CA ILE C 126 15.59 43.60 -27.50
C ILE C 126 14.47 44.17 -28.35
N ASN C 127 14.40 43.72 -29.61
CA ASN C 127 13.42 44.23 -30.57
C ASN C 127 12.02 43.86 -30.11
N GLY C 128 11.22 44.88 -29.77
CA GLY C 128 9.85 44.61 -29.37
C GLY C 128 9.70 44.12 -27.94
N SER C 129 10.77 44.11 -27.15
CA SER C 129 10.67 43.65 -25.78
C SER C 129 9.75 44.53 -24.95
N ASN C 130 9.58 45.79 -25.36
CA ASN C 130 8.74 46.77 -24.71
C ASN C 130 9.33 47.26 -23.39
N TRP C 131 10.57 46.88 -23.04
CA TRP C 131 11.24 47.48 -21.90
C TRP C 131 12.41 48.31 -22.36
N GLU C 132 12.74 49.33 -21.56
CA GLU C 132 13.73 50.33 -21.92
C GLU C 132 14.78 50.55 -20.82
N GLY C 133 14.79 49.72 -19.80
CA GLY C 133 15.76 49.91 -18.73
C GLY C 133 15.88 48.63 -17.93
N ILE C 134 16.85 48.62 -17.02
CA ILE C 134 17.14 47.44 -16.22
C ILE C 134 17.29 47.87 -14.77
N LEU C 135 16.75 47.05 -13.87
CA LEU C 135 16.77 47.30 -12.43
C LEU C 135 17.46 46.14 -11.77
N GLY C 136 18.75 46.31 -11.48
CA GLY C 136 19.53 45.27 -10.81
C GLY C 136 19.16 45.15 -9.34
N LEU C 137 18.61 44.01 -8.94
CA LEU C 137 18.13 43.91 -7.57
C LEU C 137 19.09 43.19 -6.64
N ALA C 138 20.27 42.81 -7.13
CA ALA C 138 21.25 42.19 -6.25
C ALA C 138 22.04 43.26 -5.49
N TYR C 139 23.10 42.81 -4.83
CA TYR C 139 23.81 43.60 -3.82
C TYR C 139 24.95 44.42 -4.43
N ALA C 140 25.45 45.37 -3.62
CA ALA C 140 26.43 46.33 -4.12
C ALA C 140 27.69 45.68 -4.65
N GLU C 141 28.07 44.52 -4.11
CA GLU C 141 29.37 43.93 -4.44
C GLU C 141 29.60 43.77 -5.93
N ILE C 142 28.56 43.47 -6.71
CA ILE C 142 28.78 43.22 -8.13
C ILE C 142 28.34 44.38 -9.00
N ALA C 143 28.04 45.53 -8.40
CA ALA C 143 27.76 46.74 -9.16
C ALA C 143 29.02 47.27 -9.84
N ARG C 144 28.84 47.91 -10.99
CA ARG C 144 29.90 48.58 -11.71
C ARG C 144 29.69 50.09 -11.61
N PRO C 145 30.76 50.89 -11.61
CA PRO C 145 32.18 50.55 -11.71
C PRO C 145 32.77 49.87 -10.46
N ASP C 146 32.25 50.20 -9.28
CA ASP C 146 32.73 49.57 -8.05
C ASP C 146 31.57 49.48 -7.07
N ASP C 147 31.83 48.82 -5.92
CA ASP C 147 30.74 48.50 -4.97
C ASP C 147 30.27 49.69 -4.19
N SER C 148 30.72 50.89 -4.55
CA SER C 148 30.29 52.09 -3.88
C SER C 148 29.12 52.74 -4.58
N LEU C 149 28.69 52.21 -5.72
CA LEU C 149 27.47 52.70 -6.39
C LEU C 149 26.30 51.96 -5.76
N GLU C 150 25.65 52.62 -4.83
CA GLU C 150 24.52 52.07 -4.11
C GLU C 150 23.43 51.61 -5.08
N PRO C 151 23.05 50.33 -5.09
CA PRO C 151 22.00 49.87 -5.99
C PRO C 151 20.63 50.37 -5.55
N PHE C 152 19.70 50.33 -6.49
CA PHE C 152 18.39 50.95 -6.26
C PHE C 152 17.72 50.44 -4.99
N PHE C 153 17.67 49.12 -4.79
CA PHE C 153 16.89 48.62 -3.67
C PHE C 153 17.50 49.06 -2.34
N ASP C 154 18.83 49.13 -2.28
CA ASP C 154 19.49 49.64 -1.08
C ASP C 154 19.09 51.10 -0.82
N SER C 155 18.99 51.89 -1.90
CA SER C 155 18.50 53.25 -1.78
C SER C 155 17.06 53.27 -1.28
N LEU C 156 16.23 52.37 -1.81
CA LEU C 156 14.82 52.32 -1.42
C LEU C 156 14.67 52.07 0.08
N VAL C 157 15.42 51.10 0.60
CA VAL C 157 15.30 50.73 2.01
C VAL C 157 15.91 51.79 2.92
N LYS C 158 17.01 52.43 2.50
CA LYS C 158 17.62 53.47 3.33
C LYS C 158 16.72 54.68 3.47
N GLN C 159 16.12 55.14 2.36
CA GLN C 159 15.35 56.38 2.30
C GLN C 159 13.87 56.22 2.66
N THR C 160 13.38 55.01 2.85
CA THR C 160 11.97 54.87 3.23
C THR C 160 11.74 53.90 4.38
N HIS C 161 10.47 53.56 4.61
CA HIS C 161 10.09 52.57 5.60
C HIS C 161 9.78 51.22 4.97
N VAL C 162 10.00 51.08 3.65
CA VAL C 162 9.84 49.81 2.96
C VAL C 162 10.73 48.76 3.61
N PRO C 163 10.17 47.66 4.11
CA PRO C 163 10.98 46.60 4.70
C PRO C 163 11.91 45.96 3.68
N ASN C 164 12.99 45.38 4.19
CA ASN C 164 14.10 44.95 3.36
C ASN C 164 13.83 43.54 2.79
N LEU C 165 12.82 43.46 1.94
CA LEU C 165 12.63 42.26 1.11
C LEU C 165 11.67 42.54 -0.04
N PHE C 166 11.68 41.62 -0.99
CA PHE C 166 10.76 41.63 -2.11
C PHE C 166 10.58 40.19 -2.54
N SER C 167 9.46 39.93 -3.17
CA SER C 167 9.18 38.59 -3.64
C SER C 167 8.73 38.69 -5.09
N LEU C 168 9.01 37.63 -5.86
CA LEU C 168 8.70 37.59 -7.27
C LEU C 168 7.82 36.39 -7.57
N GLN C 169 6.72 36.64 -8.26
CA GLN C 169 5.89 35.58 -8.81
C GLN C 169 5.86 35.78 -10.31
N LEU C 170 6.63 34.96 -11.01
CA LEU C 170 6.71 34.99 -12.47
C LEU C 170 5.83 33.89 -13.05
N CYS C 171 4.94 34.25 -13.96
CA CYS C 171 3.97 33.31 -14.53
C CYS C 171 4.30 33.00 -15.98
N GLY C 172 4.20 31.73 -16.34
CA GLY C 172 4.51 31.32 -17.69
C GLY C 172 3.49 31.87 -18.67
N ALA C 173 3.70 31.53 -19.93
CA ALA C 173 2.80 31.98 -21.00
C ALA C 173 1.61 31.04 -21.14
N ALA C 184 2.84 41.80 -22.93
CA ALA C 184 1.86 41.39 -23.94
C ALA C 184 1.93 39.89 -24.27
N SER C 185 2.10 39.04 -23.23
CA SER C 185 2.24 37.60 -23.40
C SER C 185 2.42 36.88 -22.06
N VAL C 186 3.21 37.45 -21.14
CA VAL C 186 3.39 36.90 -19.80
C VAL C 186 3.22 38.02 -18.78
N GLY C 187 2.94 37.61 -17.54
CA GLY C 187 2.83 38.58 -16.46
C GLY C 187 3.26 37.98 -15.14
N GLY C 188 3.22 38.80 -14.10
CA GLY C 188 3.52 38.32 -12.75
C GLY C 188 3.41 39.45 -11.74
N SER C 189 3.92 39.19 -10.53
CA SER C 189 3.87 40.16 -9.45
C SER C 189 5.26 40.33 -8.84
N MET C 190 5.64 41.59 -8.57
CA MET C 190 6.77 41.91 -7.70
C MET C 190 6.21 42.63 -6.49
N ILE C 191 6.22 41.95 -5.34
CA ILE C 191 5.79 42.53 -4.08
C ILE C 191 6.98 43.18 -3.41
N ILE C 192 7.01 44.52 -3.42
CA ILE C 192 8.11 45.29 -2.89
C ILE C 192 7.84 45.54 -1.41
N GLY C 193 8.66 44.95 -0.54
CA GLY C 193 8.54 45.18 0.88
C GLY C 193 7.79 44.12 1.65
N GLY C 194 7.40 43.02 1.02
CA GLY C 194 6.67 42.01 1.76
C GLY C 194 6.34 40.81 0.91
N ILE C 195 5.46 39.99 1.48
CA ILE C 195 5.01 38.72 0.95
C ILE C 195 3.50 38.83 0.83
N ASP C 196 2.94 38.36 -0.27
CA ASP C 196 1.50 38.35 -0.46
C ASP C 196 0.99 36.91 -0.51
N HIS C 197 0.07 36.58 0.41
CA HIS C 197 -0.32 35.17 0.56
C HIS C 197 -1.25 34.63 -0.52
N SER C 198 -1.88 35.47 -1.34
CA SER C 198 -2.69 34.85 -2.38
C SER C 198 -1.86 34.39 -3.57
N LEU C 199 -0.54 34.67 -3.57
CA LEU C 199 0.33 34.28 -4.66
C LEU C 199 0.93 32.89 -4.50
N TYR C 200 0.74 32.21 -3.36
CA TYR C 200 1.26 30.86 -3.24
C TYR C 200 0.34 29.98 -2.41
N THR C 201 0.52 28.68 -2.62
CA THR C 201 -0.04 27.60 -1.82
C THR C 201 1.09 26.81 -1.17
N GLY C 202 0.73 26.06 -0.11
CA GLY C 202 1.71 25.35 0.69
C GLY C 202 2.49 26.32 1.55
N SER C 203 3.61 25.83 2.08
CA SER C 203 4.48 26.60 2.95
C SER C 203 5.64 27.20 2.16
N LEU C 204 6.24 28.26 2.73
CA LEU C 204 7.50 28.80 2.26
C LEU C 204 8.69 28.07 2.89
N TRP C 205 9.59 27.56 2.06
CA TRP C 205 10.83 26.92 2.50
C TRP C 205 12.04 27.79 2.19
N TYR C 206 12.87 28.03 3.19
CA TYR C 206 13.95 29.01 3.09
C TYR C 206 15.31 28.37 3.04
N THR C 207 16.17 28.95 2.22
CA THR C 207 17.56 28.60 1.99
C THR C 207 18.46 29.80 2.24
N PRO C 208 19.62 29.59 2.87
CA PRO C 208 20.48 30.73 3.20
C PRO C 208 21.09 31.37 1.96
N ILE C 209 21.17 32.69 1.98
CA ILE C 209 22.02 33.40 1.03
C ILE C 209 23.46 33.29 1.52
N ARG C 210 24.30 32.58 0.77
CA ARG C 210 25.65 32.29 1.24
C ARG C 210 26.52 33.54 1.34
N ARG C 211 26.36 34.48 0.41
CA ARG C 211 27.16 35.68 0.33
C ARG C 211 26.33 36.72 -0.38
N GLU C 212 26.37 37.95 0.12
CA GLU C 212 25.54 39.02 -0.45
C GLU C 212 26.31 39.64 -1.60
N TRP C 213 26.33 38.94 -2.74
CA TRP C 213 26.78 39.52 -4.00
C TRP C 213 25.77 39.27 -5.12
N TYR C 214 25.79 38.08 -5.73
CA TYR C 214 24.60 37.56 -6.37
C TYR C 214 23.61 37.09 -5.30
N TYR C 215 22.42 36.68 -5.72
CA TYR C 215 21.60 35.94 -4.75
C TYR C 215 22.11 34.52 -4.81
N GLU C 216 23.11 34.22 -3.96
CA GLU C 216 23.81 32.95 -4.01
C GLU C 216 23.29 31.97 -2.96
N VAL C 217 23.01 30.74 -3.41
CA VAL C 217 22.47 29.66 -2.60
C VAL C 217 23.32 28.41 -2.85
N ILE C 218 22.99 27.34 -2.14
CA ILE C 218 23.75 26.10 -2.23
C ILE C 218 22.82 24.95 -2.54
N ILE C 219 22.98 24.34 -3.72
CA ILE C 219 22.31 23.09 -4.08
C ILE C 219 23.07 21.92 -3.46
N VAL C 220 22.35 21.02 -2.80
CA VAL C 220 22.97 19.93 -2.03
C VAL C 220 22.71 18.54 -2.62
N ARG C 221 21.84 18.42 -3.61
CA ARG C 221 21.44 17.16 -4.22
C ARG C 221 20.67 17.45 -5.50
N VAL C 222 20.85 16.60 -6.50
CA VAL C 222 20.11 16.68 -7.76
C VAL C 222 19.61 15.29 -8.11
N GLU C 223 18.30 15.19 -8.32
CA GLU C 223 17.65 13.95 -8.71
C GLU C 223 16.94 14.17 -10.03
N ILE C 224 16.90 13.13 -10.85
CA ILE C 224 16.22 13.17 -12.14
C ILE C 224 15.29 11.98 -12.18
N ASN C 225 13.99 12.25 -12.22
CA ASN C 225 12.96 11.21 -12.06
C ASN C 225 13.22 10.41 -10.78
N GLY C 226 13.64 11.10 -9.73
CA GLY C 226 13.85 10.44 -8.46
C GLY C 226 15.16 9.69 -8.30
N GLN C 227 16.03 9.73 -9.31
CA GLN C 227 17.34 9.07 -9.31
C GLN C 227 18.42 10.11 -9.02
N ASP C 228 19.27 9.85 -8.01
CA ASP C 228 20.33 10.79 -7.64
C ASP C 228 21.39 10.83 -8.74
N LEU C 229 21.80 12.06 -9.14
CA LEU C 229 22.90 12.20 -10.09
C LEU C 229 24.21 11.66 -9.54
N LYS C 230 24.30 11.44 -8.22
CA LYS C 230 25.47 10.81 -7.60
C LYS C 230 26.75 11.57 -7.97
N MET C 231 26.76 12.87 -7.72
CA MET C 231 27.93 13.69 -7.93
C MET C 231 28.30 14.38 -6.63
N ASP C 232 29.60 14.63 -6.49
CA ASP C 232 30.08 15.48 -5.41
C ASP C 232 29.34 16.80 -5.46
N CYS C 233 28.66 17.17 -4.38
CA CYS C 233 27.81 18.36 -4.49
C CYS C 233 28.60 19.66 -4.71
N LYS C 234 29.92 19.65 -4.52
CA LYS C 234 30.68 20.83 -4.92
C LYS C 234 30.54 21.07 -6.41
N GLU C 235 30.35 20.00 -7.20
CA GLU C 235 30.10 20.15 -8.63
C GLU C 235 28.83 20.95 -8.89
N TYR C 236 27.81 20.77 -8.06
CA TYR C 236 26.56 21.51 -8.27
C TYR C 236 26.77 23.01 -8.09
N ASN C 237 27.72 23.42 -7.26
CA ASN C 237 27.89 24.83 -6.92
C ASN C 237 29.23 25.38 -7.41
N TYR C 238 29.76 24.81 -8.49
CA TYR C 238 31.04 25.20 -9.08
C TYR C 238 30.81 26.11 -10.27
N ASP C 239 31.19 27.39 -10.16
CA ASP C 239 31.81 27.98 -8.97
C ASP C 239 30.82 28.70 -8.06
N LYS C 240 29.58 28.83 -8.50
CA LYS C 240 28.53 29.41 -7.66
C LYS C 240 27.19 28.91 -8.17
N SER C 241 26.16 29.13 -7.36
CA SER C 241 24.77 28.87 -7.74
C SER C 241 23.97 30.11 -7.41
N ILE C 242 23.22 30.64 -8.39
CA ILE C 242 22.52 31.90 -8.17
C ILE C 242 21.07 31.81 -8.66
N VAL C 243 20.24 32.73 -8.14
CA VAL C 243 18.87 32.91 -8.60
C VAL C 243 18.86 34.21 -9.40
N ASP C 244 18.59 34.12 -10.70
CA ASP C 244 18.74 35.25 -11.63
C ASP C 244 17.47 35.40 -12.48
N SER C 245 16.61 36.34 -12.08
CA SER C 245 15.36 36.54 -12.82
C SER C 245 15.59 37.07 -14.20
N GLY C 246 16.76 37.63 -14.48
CA GLY C 246 17.11 38.20 -15.76
C GLY C 246 17.73 37.23 -16.74
N THR C 247 17.74 35.93 -16.43
CA THR C 247 18.22 34.90 -17.34
C THR C 247 17.11 33.89 -17.56
N THR C 248 16.87 33.55 -18.83
CA THR C 248 15.78 32.63 -19.12
C THR C 248 16.08 31.23 -18.61
N ASN C 249 17.24 30.68 -18.97
CA ASN C 249 17.49 29.26 -18.85
C ASN C 249 17.90 28.85 -17.45
N LEU C 250 17.78 27.55 -17.20
CA LEU C 250 18.58 26.89 -16.18
C LEU C 250 19.95 26.59 -16.79
N ARG C 251 20.99 27.17 -16.22
CA ARG C 251 22.34 26.94 -16.67
C ARG C 251 23.06 26.11 -15.62
N LEU C 252 23.69 25.00 -16.05
CA LEU C 252 24.39 24.07 -15.17
C LEU C 252 25.88 24.03 -15.48
N PRO C 253 26.72 23.82 -14.47
CA PRO C 253 28.16 23.60 -14.72
C PRO C 253 28.39 22.41 -15.62
N LYS C 254 29.45 22.50 -16.45
CA LYS C 254 29.66 21.56 -17.53
C LYS C 254 29.43 20.10 -17.12
N LYS C 255 30.06 19.66 -16.03
CA LYS C 255 29.94 18.27 -15.63
C LYS C 255 28.51 17.94 -15.18
N VAL C 256 27.85 18.84 -14.45
CA VAL C 256 26.46 18.58 -14.07
C VAL C 256 25.58 18.54 -15.30
N PHE C 257 25.79 19.49 -16.24
CA PHE C 257 25.05 19.50 -17.49
C PHE C 257 25.19 18.18 -18.24
N GLU C 258 26.43 17.72 -18.42
CA GLU C 258 26.63 16.47 -19.14
C GLU C 258 25.90 15.32 -18.45
N ALA C 259 26.00 15.22 -17.12
CA ALA C 259 25.32 14.15 -16.41
C ALA C 259 23.82 14.22 -16.61
N ALA C 260 23.26 15.44 -16.52
CA ALA C 260 21.82 15.59 -16.60
C ALA C 260 21.30 15.33 -18.02
N VAL C 261 21.99 15.85 -19.04
CA VAL C 261 21.57 15.61 -20.43
C VAL C 261 21.64 14.13 -20.76
N LYS C 262 22.66 13.43 -20.25
CA LYS C 262 22.74 11.99 -20.45
C LYS C 262 21.53 11.29 -19.85
N SER C 263 21.10 11.74 -18.67
CA SER C 263 19.96 11.12 -18.01
C SER C 263 18.62 11.49 -18.66
N ILE C 264 18.50 12.74 -19.15
CA ILE C 264 17.27 13.16 -19.83
C ILE C 264 17.17 12.51 -21.20
N LYS C 265 18.29 12.44 -21.92
CA LYS C 265 18.34 11.70 -23.18
C LYS C 265 17.84 10.26 -22.99
N ALA C 266 18.38 9.58 -21.98
CA ALA C 266 18.02 8.19 -21.75
C ALA C 266 16.53 8.02 -21.49
N ALA C 267 15.92 8.94 -20.75
CA ALA C 267 14.51 8.78 -20.38
C ALA C 267 13.59 8.97 -21.59
N SER C 268 14.01 9.73 -22.59
CA SER C 268 13.18 10.05 -23.75
C SER C 268 13.70 9.43 -25.03
N SER C 269 14.45 8.33 -24.92
CA SER C 269 14.96 7.63 -26.10
C SER C 269 13.87 6.98 -26.95
N THR C 270 12.62 6.92 -26.48
CA THR C 270 11.49 6.54 -27.35
C THR C 270 11.51 7.30 -28.66
N GLU C 271 11.94 8.56 -28.63
CA GLU C 271 11.95 9.39 -29.83
C GLU C 271 13.36 9.87 -30.11
N LYS C 272 13.54 10.45 -31.29
CA LYS C 272 14.83 10.91 -31.77
C LYS C 272 14.83 12.43 -31.91
N PHE C 273 15.94 13.05 -31.52
CA PHE C 273 16.17 14.47 -31.61
C PHE C 273 17.52 14.72 -32.26
N PRO C 274 17.64 15.75 -33.09
CA PRO C 274 18.98 16.16 -33.53
C PRO C 274 19.80 16.53 -32.31
N ASP C 275 21.11 16.23 -32.35
CA ASP C 275 21.96 16.61 -31.22
C ASP C 275 22.04 18.12 -31.07
N GLY C 276 21.71 18.87 -32.13
CA GLY C 276 21.59 20.31 -32.01
C GLY C 276 20.38 20.76 -31.23
N PHE C 277 19.49 19.83 -30.89
CA PHE C 277 18.40 20.16 -29.98
C PHE C 277 18.89 20.31 -28.53
N TRP C 278 19.77 19.39 -28.07
CA TRP C 278 20.31 19.44 -26.71
C TRP C 278 21.26 20.60 -26.45
N LEU C 279 21.64 21.33 -27.50
CA LEU C 279 22.52 22.50 -27.37
C LEU C 279 21.75 23.80 -27.55
N GLY C 280 20.44 23.73 -27.75
CA GLY C 280 19.59 24.89 -27.88
C GLY C 280 19.56 25.52 -29.26
N GLU C 281 20.08 24.83 -30.28
CA GLU C 281 20.22 25.40 -31.62
C GLU C 281 19.07 25.05 -32.56
N GLN C 282 18.54 23.82 -32.47
CA GLN C 282 17.45 23.38 -33.33
C GLN C 282 16.20 23.13 -32.48
N LEU C 283 15.04 23.52 -33.01
CA LEU C 283 13.78 23.25 -32.34
C LEU C 283 13.38 21.78 -32.52
N VAL C 284 12.33 21.39 -31.79
CA VAL C 284 11.67 20.09 -31.94
C VAL C 284 10.18 20.34 -32.02
N CYS C 285 9.48 19.59 -32.86
CA CYS C 285 8.06 19.86 -33.06
C CYS C 285 7.25 18.57 -33.07
N TRP C 286 6.02 18.68 -32.57
CA TRP C 286 5.01 17.64 -32.62
C TRP C 286 3.70 18.24 -33.11
N GLN C 287 2.89 17.42 -33.76
CA GLN C 287 1.56 17.85 -34.14
C GLN C 287 0.78 18.24 -32.88
N ALA C 288 0.28 19.48 -32.85
CA ALA C 288 -0.32 20.11 -31.67
C ALA C 288 -1.09 19.17 -30.77
N GLY C 289 -0.94 19.34 -29.46
CA GLY C 289 -1.61 18.52 -28.46
C GLY C 289 -1.15 17.08 -28.36
N THR C 290 -0.08 16.70 -29.07
CA THR C 290 0.47 15.37 -28.99
C THR C 290 1.90 15.43 -28.47
N THR C 291 2.19 16.46 -27.69
CA THR C 291 3.50 16.60 -27.09
C THR C 291 3.68 15.48 -26.07
N PRO C 292 4.66 14.60 -26.22
CA PRO C 292 4.82 13.44 -25.33
C PRO C 292 5.47 13.81 -23.99
N TRP C 293 4.80 14.69 -23.24
CA TRP C 293 5.36 15.18 -21.99
C TRP C 293 5.82 14.06 -21.07
N ASN C 294 5.13 12.92 -21.13
CA ASN C 294 5.32 11.84 -20.16
C ASN C 294 6.68 11.18 -20.25
N ILE C 295 7.44 11.39 -21.32
CA ILE C 295 8.76 10.79 -21.45
C ILE C 295 9.87 11.74 -21.06
N PHE C 296 9.53 12.96 -20.65
CA PHE C 296 10.58 13.81 -20.12
C PHE C 296 10.54 13.82 -18.61
N PRO C 297 11.67 13.65 -17.96
CA PRO C 297 11.68 13.51 -16.50
C PRO C 297 11.49 14.84 -15.76
N VAL C 298 11.12 14.73 -14.48
CA VAL C 298 11.15 15.88 -13.59
C VAL C 298 12.54 15.99 -13.02
N ILE C 299 12.97 17.23 -12.77
CA ILE C 299 14.25 17.51 -12.15
C ILE C 299 14.01 18.06 -10.76
N SER C 300 14.64 17.45 -9.75
CA SER C 300 14.57 17.93 -8.38
C SER C 300 15.90 18.61 -8.05
N LEU C 301 15.82 19.88 -7.66
CA LEU C 301 16.94 20.61 -7.13
C LEU C 301 16.72 20.75 -5.64
N TYR C 302 17.60 20.14 -4.84
CA TYR C 302 17.54 20.25 -3.38
C TYR C 302 18.37 21.45 -2.93
N LEU C 303 17.75 22.32 -2.15
CA LEU C 303 18.39 23.53 -1.67
C LEU C 303 18.69 23.37 -0.18
N MET C 304 19.88 23.79 0.21
CA MET C 304 20.30 23.66 1.59
C MET C 304 19.38 24.48 2.47
N GLY C 305 18.90 23.87 3.55
CA GLY C 305 17.98 24.57 4.41
C GLY C 305 18.72 25.44 5.35
N GLU C 306 17.98 26.05 6.26
CA GLU C 306 18.64 26.93 7.21
C GLU C 306 19.14 26.11 8.38
N VAL C 307 18.53 24.94 8.58
CA VAL C 307 19.10 23.84 9.35
C VAL C 307 19.14 22.68 8.37
N THR C 308 20.29 22.00 8.30
CA THR C 308 20.48 20.98 7.27
C THR C 308 19.50 19.83 7.38
N ASN C 309 18.72 19.71 8.47
CA ASN C 309 17.63 18.75 8.45
C ASN C 309 16.29 19.37 8.06
N GLN C 310 16.30 20.60 7.55
CA GLN C 310 15.12 21.29 7.04
C GLN C 310 15.35 21.74 5.60
N SER C 311 16.19 21.01 4.87
CA SER C 311 16.35 21.29 3.45
C SER C 311 15.08 20.93 2.72
N PHE C 312 15.04 21.27 1.43
CA PHE C 312 13.86 21.05 0.61
C PHE C 312 14.29 20.92 -0.86
N ARG C 313 13.38 20.43 -1.69
CA ARG C 313 13.63 20.28 -3.11
C ARG C 313 12.53 21.01 -3.88
N ILE C 314 12.89 21.54 -5.04
CA ILE C 314 11.95 22.09 -6.00
C ILE C 314 11.97 21.24 -7.25
N THR C 315 10.80 20.87 -7.73
CA THR C 315 10.70 19.99 -8.87
C THR C 315 10.28 20.80 -10.09
N ILE C 316 11.01 20.58 -11.18
CA ILE C 316 10.82 21.27 -12.44
C ILE C 316 10.17 20.26 -13.38
N LEU C 317 9.03 20.64 -13.96
CA LEU C 317 8.40 19.77 -14.94
C LEU C 317 9.02 20.02 -16.31
N PRO C 318 8.89 19.08 -17.24
CA PRO C 318 9.43 19.34 -18.59
C PRO C 318 8.85 20.58 -19.24
N GLN C 319 7.61 20.96 -18.87
CA GLN C 319 7.00 22.19 -19.38
C GLN C 319 7.78 23.44 -19.01
N GLN C 320 8.66 23.37 -18.02
CA GLN C 320 9.49 24.52 -17.69
C GLN C 320 10.79 24.54 -18.50
N TYR C 321 11.47 23.39 -18.70
CA TYR C 321 12.71 23.38 -19.45
C TYR C 321 12.53 22.96 -20.93
N LEU C 322 11.30 22.72 -21.39
CA LEU C 322 11.00 22.71 -22.82
C LEU C 322 10.24 24.00 -23.10
N ARG C 323 10.97 25.03 -23.54
CA ARG C 323 10.33 26.34 -23.70
C ARG C 323 9.72 26.44 -25.09
N PRO C 324 8.46 26.85 -25.21
CA PRO C 324 7.81 26.91 -26.54
C PRO C 324 8.25 28.14 -27.35
N VAL C 325 8.23 27.98 -28.67
CA VAL C 325 8.67 29.01 -29.62
C VAL C 325 7.72 29.07 -30.80
N GLU C 326 7.97 30.02 -31.71
CA GLU C 326 7.10 30.25 -32.86
C GLU C 326 7.37 29.20 -33.92
N ASP C 327 6.30 28.60 -34.45
CA ASP C 327 6.45 27.59 -35.47
C ASP C 327 7.15 28.20 -36.68
N VAL C 328 8.34 27.68 -36.99
CA VAL C 328 9.09 28.19 -38.13
C VAL C 328 8.33 27.92 -39.41
N ALA C 329 7.59 26.81 -39.47
CA ALA C 329 6.77 26.50 -40.63
C ALA C 329 5.40 27.14 -40.47
N THR C 330 4.58 26.98 -41.50
CA THR C 330 3.21 27.48 -41.52
C THR C 330 2.21 26.49 -40.93
N SER C 331 2.65 25.67 -39.97
CA SER C 331 1.82 24.61 -39.40
C SER C 331 1.21 25.09 -38.09
N GLN C 332 0.35 24.24 -37.53
CA GLN C 332 -0.09 24.40 -36.15
C GLN C 332 0.61 23.42 -35.21
N ASP C 333 1.77 22.92 -35.63
CA ASP C 333 2.63 22.12 -34.77
C ASP C 333 3.08 22.91 -33.54
N ASP C 334 3.22 22.20 -32.41
CA ASP C 334 3.86 22.74 -31.23
C ASP C 334 5.37 22.51 -31.31
N CYS C 335 6.16 23.57 -31.11
CA CYS C 335 7.62 23.51 -31.25
C CYS C 335 8.30 24.03 -29.99
N TYR C 336 9.45 23.42 -29.67
CA TYR C 336 10.10 23.63 -28.38
C TYR C 336 11.62 23.75 -28.49
N LYS C 337 12.17 24.66 -27.68
CA LYS C 337 13.60 24.82 -27.47
C LYS C 337 13.98 24.14 -26.15
N PHE C 338 15.18 23.55 -26.12
CA PHE C 338 15.71 22.99 -24.87
C PHE C 338 16.32 24.13 -24.05
N ALA C 339 15.79 24.32 -22.84
CA ALA C 339 16.14 25.46 -21.99
C ALA C 339 17.03 25.08 -20.82
N ILE C 340 17.82 24.02 -20.98
CA ILE C 340 18.91 23.74 -20.06
C ILE C 340 20.20 23.84 -20.86
N SER C 341 21.04 24.77 -20.47
CA SER C 341 22.25 24.97 -21.22
C SER C 341 23.46 24.87 -20.31
N GLN C 342 24.60 24.61 -20.94
CA GLN C 342 25.86 24.43 -20.24
C GLN C 342 26.42 25.78 -19.83
N SER C 343 27.16 25.78 -18.72
CA SER C 343 27.71 27.00 -18.14
C SER C 343 29.13 26.77 -17.67
N SER C 344 29.91 27.83 -17.64
CA SER C 344 31.24 27.81 -17.05
C SER C 344 31.35 28.76 -15.87
N THR C 345 30.27 29.43 -15.51
CA THR C 345 30.26 30.41 -14.44
C THR C 345 29.45 29.94 -13.23
N GLY C 346 28.98 28.69 -13.23
CA GLY C 346 28.21 28.11 -12.14
C GLY C 346 26.78 27.81 -12.56
N THR C 347 25.96 27.43 -11.56
CA THR C 347 24.54 27.18 -11.78
C THR C 347 23.76 28.47 -11.74
N VAL C 348 22.94 28.71 -12.77
CA VAL C 348 21.99 29.81 -12.76
C VAL C 348 20.59 29.23 -12.81
N MET C 349 19.82 29.47 -11.76
CA MET C 349 18.39 29.14 -11.76
C MET C 349 17.62 30.30 -12.36
N GLY C 350 17.29 30.18 -13.64
CA GLY C 350 16.70 31.27 -14.40
C GLY C 350 15.19 31.31 -14.32
N ALA C 351 14.59 32.05 -15.28
CA ALA C 351 13.14 32.24 -15.27
C ALA C 351 12.40 30.92 -15.45
N VAL C 352 13.01 30.02 -16.22
CA VAL C 352 12.55 28.65 -16.34
C VAL C 352 12.29 28.04 -14.97
N ILE C 353 13.26 28.15 -14.06
CA ILE C 353 13.11 27.60 -12.72
C ILE C 353 12.09 28.40 -11.93
N MET C 354 12.15 29.73 -12.01
CA MET C 354 11.36 30.55 -11.10
C MET C 354 9.87 30.57 -11.43
N GLU C 355 9.47 30.19 -12.66
CA GLU C 355 8.07 30.34 -13.07
C GLU C 355 7.11 29.45 -12.29
N GLY C 356 7.55 28.27 -11.87
CA GLY C 356 6.66 27.46 -11.07
C GLY C 356 6.36 27.98 -9.66
N PHE C 357 7.10 28.99 -9.18
CA PHE C 357 7.24 29.23 -7.76
C PHE C 357 7.04 30.69 -7.37
N TYR C 358 6.73 30.88 -6.08
CA TYR C 358 6.82 32.18 -5.42
C TYR C 358 8.18 32.27 -4.72
N VAL C 359 8.97 33.26 -5.11
CA VAL C 359 10.36 33.34 -4.67
C VAL C 359 10.49 34.60 -3.82
N VAL C 360 10.79 34.40 -2.53
CA VAL C 360 10.95 35.48 -1.56
C VAL C 360 12.43 35.79 -1.39
N PHE C 361 12.79 37.02 -1.71
CA PHE C 361 14.16 37.49 -1.52
C PHE C 361 14.17 38.26 -0.21
N ASP C 362 14.32 37.51 0.89
CA ASP C 362 14.31 38.04 2.26
C ASP C 362 15.71 38.56 2.59
N ARG C 363 15.99 39.76 2.07
CA ARG C 363 17.32 40.37 2.27
C ARG C 363 17.61 40.58 3.75
N ALA C 364 16.59 40.99 4.52
CA ALA C 364 16.77 41.27 5.94
C ALA C 364 17.27 40.06 6.73
N ARG C 365 16.88 38.85 6.35
CA ARG C 365 17.28 37.64 7.07
C ARG C 365 18.24 36.78 6.25
N LYS C 366 18.86 37.37 5.22
CA LYS C 366 19.87 36.71 4.40
C LYS C 366 19.39 35.34 3.86
N ARG C 367 18.16 35.30 3.32
CA ARG C 367 17.61 34.02 2.90
C ARG C 367 16.62 34.19 1.74
N ILE C 368 16.39 33.08 1.05
CA ILE C 368 15.52 33.02 -0.11
C ILE C 368 14.45 31.96 0.13
N GLY C 369 13.20 32.34 -0.08
CA GLY C 369 12.07 31.45 0.17
C GLY C 369 11.43 30.97 -1.12
N PHE C 370 11.04 29.71 -1.14
CA PHE C 370 10.35 29.14 -2.27
C PHE C 370 9.03 28.54 -1.81
N ALA C 371 7.99 28.76 -2.63
CA ALA C 371 6.67 28.14 -2.43
C ALA C 371 6.06 27.89 -3.79
N VAL C 372 5.16 26.90 -3.85
CA VAL C 372 4.41 26.65 -5.09
C VAL C 372 3.59 27.88 -5.44
N SER C 373 3.74 28.37 -6.68
CA SER C 373 3.05 29.57 -7.12
C SER C 373 1.57 29.31 -7.43
N ALA C 374 0.76 30.35 -7.24
CA ALA C 374 -0.65 30.30 -7.68
C ALA C 374 -0.78 30.12 -9.19
N CYS C 375 0.27 30.43 -9.96
CA CYS C 375 0.21 30.30 -11.43
C CYS C 375 1.22 29.25 -11.88
N HIS C 376 1.17 28.10 -11.24
CA HIS C 376 2.13 27.01 -11.47
C HIS C 376 1.78 26.19 -12.70
N VAL C 377 2.83 25.82 -13.45
CA VAL C 377 2.67 24.95 -14.61
C VAL C 377 2.03 23.64 -14.17
N HIS C 378 1.14 23.12 -15.02
CA HIS C 378 0.24 22.04 -14.63
C HIS C 378 0.34 20.92 -15.66
N ASP C 379 0.73 19.74 -15.21
CA ASP C 379 0.79 18.51 -16.01
C ASP C 379 -0.42 17.64 -15.68
N GLU C 380 -0.74 16.73 -16.59
CA GLU C 380 -1.97 15.98 -16.38
C GLU C 380 -1.85 14.98 -15.23
N PHE C 381 -0.62 14.55 -14.94
CA PHE C 381 -0.38 13.53 -13.93
C PHE C 381 0.74 13.90 -12.97
N ARG C 382 1.45 15.01 -13.19
CA ARG C 382 2.56 15.44 -12.34
C ARG C 382 2.41 16.91 -12.03
N THR C 383 3.10 17.37 -10.99
CA THR C 383 2.99 18.77 -10.58
C THR C 383 4.33 19.30 -10.07
N ALA C 384 4.59 20.57 -10.32
CA ALA C 384 5.69 21.27 -9.64
C ALA C 384 5.44 21.25 -8.13
N ALA C 385 6.53 21.25 -7.37
CA ALA C 385 6.39 21.13 -5.92
C ALA C 385 7.55 21.79 -5.20
N VAL C 386 7.30 22.09 -3.93
CA VAL C 386 8.30 22.47 -2.97
C VAL C 386 8.06 21.58 -1.76
N GLU C 387 8.93 20.61 -1.54
CA GLU C 387 8.70 19.58 -0.55
C GLU C 387 9.84 19.52 0.48
N GLY C 388 9.46 19.28 1.72
CA GLY C 388 10.40 19.12 2.80
C GLY C 388 9.72 18.54 4.03
N PRO C 389 10.48 18.31 5.10
CA PRO C 389 11.93 18.53 5.19
C PRO C 389 12.80 17.42 4.60
N PHE C 390 14.04 17.76 4.25
CA PHE C 390 15.08 16.80 3.92
C PHE C 390 16.33 17.05 4.74
N VAL C 391 17.03 15.98 5.10
CA VAL C 391 18.33 16.08 5.76
C VAL C 391 19.41 15.91 4.69
N THR C 392 20.26 16.91 4.55
CA THR C 392 21.22 16.89 3.46
C THR C 392 22.58 17.32 3.98
N LEU C 393 23.50 17.52 3.06
CA LEU C 393 24.84 18.00 3.34
C LEU C 393 24.78 19.49 3.61
N ASP C 394 25.75 19.98 4.36
CA ASP C 394 25.79 21.38 4.75
C ASP C 394 26.67 22.19 3.82
N MET C 395 26.77 23.47 4.16
CA MET C 395 27.50 24.44 3.34
C MET C 395 28.98 24.09 3.20
N GLU C 396 29.58 23.46 4.21
CA GLU C 396 31.01 23.14 4.10
C GLU C 396 31.26 22.05 3.07
N ASP C 397 30.36 21.06 2.99
CA ASP C 397 30.47 19.93 2.07
C ASP C 397 30.17 20.30 0.61
N CYS C 398 29.31 21.30 0.38
CA CYS C 398 28.83 21.62 -0.96
C CYS C 398 29.29 22.96 -1.50
N GLY C 399 29.67 23.89 -0.65
CA GLY C 399 30.15 25.17 -1.13
C GLY C 399 31.56 25.09 -1.72
N TYR C 400 31.76 25.83 -2.79
CA TYR C 400 33.02 25.95 -3.47
C TYR C 400 33.76 27.18 -2.98
N ASN C 401 35.05 27.06 -2.72
CA ASN C 401 35.87 28.20 -2.30
C ASN C 401 36.96 28.55 -3.31
C3 E4A D . 2.79 -18.73 0.18
C5 E4A D . 3.81 -19.87 0.15
C8 E4A D . 3.73 -20.72 -1.08
C11 E4A D . 4.51 -21.27 -3.30
C12 E4A D . 3.58 -22.30 -3.38
C14 E4A D . 2.72 -22.52 -2.33
C16 E4A D . 2.79 -21.73 -1.19
C19 E4A D . 4.90 -20.52 -5.54
C22 E4A D . 5.95 -19.61 -6.08
C25 E4A D . 5.58 -18.19 -5.79
C28 E4A D . 4.33 -17.82 -6.52
C33 E4A D . 2.56 -16.73 -5.18
C34 E4A D . 2.61 -17.30 -3.91
C36 E4A D . 1.46 -17.33 -3.11
C37 E4A D . 0.27 -16.79 -3.60
C39 E4A D . 0.23 -16.22 -4.86
C40 E4A D . 1.39 -16.19 -5.65
C42 E4A D . -1.03 -15.61 -5.39
C44 E4A D . -0.98 -14.26 -6.04
C48 E4A D . 1.48 -17.96 -1.75
C50 E4A D . 3.24 -17.69 1.21
C54 E4A D . 2.28 -16.50 1.24
C59 E4A D . 1.20 -15.06 2.94
C60 E4A D . 1.37 -13.81 3.84
C63 E4A D . 1.15 -13.61 2.37
C66 E4A D . 0.11 -15.92 3.57
C67 E4A D . 0.39 -16.61 4.75
C69 E4A D . -0.57 -17.42 5.35
C70 E4A D . -1.81 -17.53 4.76
C72 E4A D . -2.11 -16.85 3.58
C74 E4A D . -1.14 -16.05 3.00
C76 E4A D . -0.31 -18.18 6.65
C78 E4A D . -0.38 -19.66 6.44
C82 E4A D . 1.00 -17.79 7.34
C9 E4A D . 4.59 -20.49 -2.14
N1 E4A D . 2.67 -18.13 -1.15
N31 E4A D . 3.70 -16.66 -5.95
N57 E4A D . 2.39 -15.80 2.54
O18 E4A D . 5.41 -21.03 -4.32
O43 E4A D . -2.09 -16.20 -5.27
O49 E4A D . 0.42 -18.29 -1.20
O52 E4A D . 3.31 -18.27 2.52
C3 E4A E . -31.97 -16.83 10.70
C5 E4A E . -31.22 -16.66 9.38
C8 E4A E . -30.68 -15.26 9.17
C11 E4A E . -28.85 -13.70 9.26
C12 E4A E . -29.66 -12.70 8.75
C14 E4A E . -30.97 -13.00 8.43
C16 E4A E . -31.47 -14.26 8.65
C19 E4A E . -27.34 -12.78 10.83
C22 E4A E . -25.96 -13.15 11.28
C25 E4A E . -25.90 -13.31 12.79
C28 E4A E . -27.05 -12.71 13.52
C33 E4A E . -29.10 -13.71 14.43
C34 E4A E . -29.85 -14.36 13.44
C36 E4A E . -31.24 -14.41 13.53
C37 E4A E . -31.89 -13.81 14.60
C39 E4A E . -31.17 -13.15 15.58
C40 E4A E . -29.77 -13.10 15.50
C42 E4A E . -31.89 -12.50 16.71
C44 E4A E . -31.37 -12.65 18.10
C48 E4A E . -32.02 -15.14 12.48
C50 E4A E . -32.00 -18.30 11.10
C54 E4A E . -32.79 -18.49 12.37
C59 E4A E . -34.48 -20.03 13.25
C60 E4A E . -34.73 -21.44 13.76
C63 E4A E . -34.02 -20.48 14.66
C66 E4A E . -35.83 -19.60 12.67
C67 E4A E . -36.22 -20.19 11.47
C69 E4A E . -37.43 -19.83 10.87
C70 E4A E . -38.22 -18.88 11.49
C72 E4A E . -37.83 -18.29 12.68
C74 E4A E . -36.63 -18.64 13.27
C76 E4A E . -37.90 -20.46 9.55
C78 E4A E . -37.34 -19.71 8.38
C82 E4A E . -37.59 -21.95 9.42
C9 E4A E . -29.36 -14.97 9.48
N1 E4A E . -31.34 -16.02 11.75
N31 E4A E . -27.73 -13.67 14.33
N57 E4A E . -33.38 -19.83 12.32
O18 E4A E . -27.56 -13.40 9.56
O43 E4A E . -32.93 -11.90 16.50
O49 E4A E . -33.23 -14.95 12.36
O52 E4A E . -32.64 -19.07 10.08
C3 E4A F . 21.25 39.51 -17.61
C5 E4A F . 20.25 40.67 -17.66
C8 E4A F . 19.79 41.03 -19.06
C11 E4A F . 18.14 40.88 -20.82
C12 E4A F . 18.91 41.68 -21.64
C14 E4A F . 20.11 42.16 -21.16
C16 E4A F . 20.55 41.83 -19.89
C19 E4A F . 16.91 39.19 -21.95
C22 E4A F . 15.59 38.52 -21.72
C25 E4A F . 15.81 37.10 -21.29
C28 E4A F . 16.88 36.43 -22.08
C33 E4A F . 19.10 35.77 -21.21
C34 E4A F . 19.67 36.74 -20.38
C36 E4A F . 21.05 36.88 -20.32
C37 E4A F . 21.87 36.08 -21.12
C39 E4A F . 21.30 35.13 -21.96
C40 E4A F . 19.92 34.97 -22.00
C42 E4A F . 22.18 34.24 -22.79
C44 E4A F . 21.73 32.85 -23.08
C48 E4A F . 21.62 37.93 -19.42
C50 E4A F . 21.45 39.01 -16.18
C54 E4A F . 22.56 37.95 -16.18
C59 E4A F . 24.44 37.14 -14.81
C60 E4A F . 24.82 36.47 -13.48
C63 E4A F . 24.33 35.60 -14.59
C66 E4A F . 25.61 38.06 -15.16
C67 E4A F . 25.78 39.22 -14.41
C69 E4A F . 26.83 40.11 -14.68
C70 E4A F . 27.70 39.82 -15.73
C72 E4A F . 27.53 38.66 -16.47
C74 E4A F . 26.49 37.79 -16.19
C76 E4A F . 27.02 41.41 -13.88
C78 E4A F . 26.25 42.57 -14.51
C82 E4A F . 26.61 41.29 -12.41
C9 E4A F . 18.57 40.56 -19.53
N1 E4A F . 20.82 38.42 -18.48
N31 E4A F . 17.73 35.62 -21.25
N57 E4A F . 23.11 37.77 -14.83
O18 E4A F . 16.93 40.38 -21.18
O43 E4A F . 23.25 34.65 -23.19
O49 E4A F . 22.78 38.31 -19.55
O52 E4A F . 21.87 40.11 -15.36
#